data_3VYT
#
_entry.id   3VYT
#
_cell.length_a   78.333
_cell.length_b   99.412
_cell.length_c   103.923
_cell.angle_alpha   90.00
_cell.angle_beta   97.79
_cell.angle_gamma   90.00
#
_symmetry.space_group_name_H-M   'C 1 2 1'
#
loop_
_entity.id
_entity.type
_entity.pdbx_description
1 polymer 'Hydrogenase expression/formation protein HypC'
2 polymer 'Hydrogenase expression/formation protein HypD'
3 polymer 'Hydrogenase expression/formation protein HypE'
4 non-polymer 'IRON/SULFUR CLUSTER'
5 non-polymer 'MAGNESIUM ION'
6 non-polymer 'CHLORIDE ION'
7 water water
#
loop_
_entity_poly.entity_id
_entity_poly.type
_entity_poly.pdbx_seq_one_letter_code
_entity_poly.pdbx_strand_id
1 'polypeptide(L)' CLAVPGKVIEVNGPVAVVDFGGVKREVRLDLMPDTKPGDWVIVHTGFAIEKLDEKKAMEILEAWAEVEKAMEGF A
2 'polypeptide(L)'
;MEEPFEAYRSREVAMKLVEKIREEAKTLDGEIRIMHVCGTHEDTVTRHGIRSLLPENVKVVSGPGCPVCITPVEDIVAMQ
LIMRKAREEGEEIILTTFGDMYKIPTPMGSFADLKSEGFDVRIVYGIFDTYRIAKENPDKTVVHFSPGFETTTAPAAGML
NVAAQEELENFKIYSVHRLTPPAVEVLLKQGTVFQGLIAPGHVSTIIGVKGWEYLTEKYGIPQVVAGFEPNDVLMAILML
IRMYKEGEARIINEYERAVKYEGNVVAQKMIDKFFEVVDAKWRALGVFPKSGLELRKEWKDFEIRSFYKVEVPKNLPDLE
KGCRCGAVLRGLALPTDCPLFGKTCTPRHPVGPCMVSYEGTCQIFYKYGVLF
;
B
3 'polypeptide(L)'
;MGEKIKLEHGAGGEIMEELLRDVILKTLTLKSAGGIGLDALDDGATIPFGDKHIVFTIDGHTVKPLFFPGGDIGRLAVSG
TVNDLAVMGAEPIALANSMIIGEGLDMEVLKRVLKSMDETAREVPVPIVTGDTKVVEDKIEMFVITAGIGIAEHPVSDAG
AKVGDAVLVSGTIGDHGIALMSHREGIAFETELKSDVAPIWDVVKAVAETIGWENIHAMKDPTRAGLSNALNEIARKSNV
GILVREADIPIRPEVRAASEMLGISPYDVANEGKVVMVVAREYAEEALEAMRKTEKGRNAAIIGEVIADYRGKVLLETGI
GGKRFMEPPEGDPVPRIC
;
C
#
loop_
_chem_comp.id
_chem_comp.type
_chem_comp.name
_chem_comp.formula
CL non-polymer 'CHLORIDE ION' 'Cl -1'
MG non-polymer 'MAGNESIUM ION' 'Mg 2'
SF4 non-polymer 'IRON/SULFUR CLUSTER' 'Fe4 S4'
#
# COMPACT_ATOMS: atom_id res chain seq x y z
N LEU A 2 7.29 -5.14 -4.33
CA LEU A 2 6.20 -6.05 -3.87
C LEU A 2 5.95 -7.16 -4.87
N ALA A 3 6.78 -8.20 -4.82
CA ALA A 3 6.64 -9.34 -5.73
C ALA A 3 5.67 -10.38 -5.18
N VAL A 4 4.80 -10.88 -6.06
CA VAL A 4 3.80 -11.87 -5.68
C VAL A 4 3.74 -13.04 -6.68
N PRO A 5 3.38 -14.25 -6.21
CA PRO A 5 3.27 -15.45 -7.04
C PRO A 5 2.05 -15.47 -7.96
N GLY A 6 2.24 -16.04 -9.15
CA GLY A 6 1.14 -16.12 -10.09
C GLY A 6 1.27 -17.36 -10.95
N LYS A 7 0.14 -17.88 -11.41
CA LYS A 7 0.11 -19.07 -12.24
C LYS A 7 0.03 -18.70 -13.71
N VAL A 8 1.00 -19.16 -14.49
CA VAL A 8 1.03 -18.88 -15.91
C VAL A 8 -0.09 -19.62 -16.62
N ILE A 9 -0.87 -18.90 -17.42
CA ILE A 9 -1.97 -19.50 -18.14
C ILE A 9 -1.87 -19.23 -19.64
N GLU A 10 -0.71 -18.74 -20.09
CA GLU A 10 -0.49 -18.43 -21.50
C GLU A 10 0.93 -17.93 -21.76
N VAL A 11 1.56 -18.46 -22.79
CA VAL A 11 2.92 -18.05 -23.16
C VAL A 11 2.91 -17.73 -24.64
N ASN A 12 3.71 -16.75 -25.05
CA ASN A 12 3.77 -16.33 -26.44
C ASN A 12 5.16 -15.74 -26.70
N GLY A 13 6.17 -16.60 -26.63
CA GLY A 13 7.54 -16.14 -26.83
C GLY A 13 8.01 -15.44 -25.58
N PRO A 14 8.13 -14.10 -25.62
CA PRO A 14 8.57 -13.31 -24.48
C PRO A 14 7.44 -12.95 -23.51
N VAL A 15 6.25 -12.70 -24.05
CA VAL A 15 5.09 -12.34 -23.23
C VAL A 15 4.42 -13.55 -22.61
N ALA A 16 3.73 -13.33 -21.49
CA ALA A 16 3.01 -14.39 -20.78
C ALA A 16 1.82 -13.78 -20.03
N VAL A 17 0.83 -14.61 -19.73
CA VAL A 17 -0.35 -14.14 -18.99
C VAL A 17 -0.46 -14.89 -17.67
N VAL A 18 -0.16 -14.18 -16.58
CA VAL A 18 -0.19 -14.76 -15.25
C VAL A 18 -1.47 -14.39 -14.48
N ASP A 19 -1.98 -15.34 -13.72
CA ASP A 19 -3.19 -15.11 -12.93
C ASP A 19 -2.80 -15.09 -11.47
N PHE A 20 -3.10 -13.98 -10.81
CA PHE A 20 -2.81 -13.84 -9.39
C PHE A 20 -4.13 -13.87 -8.64
N GLY A 21 -4.77 -15.04 -8.63
CA GLY A 21 -6.03 -15.17 -7.93
C GLY A 21 -7.15 -14.31 -8.48
N GLY A 22 -7.54 -14.55 -9.72
CA GLY A 22 -8.63 -13.79 -10.31
C GLY A 22 -8.21 -12.47 -10.94
N VAL A 23 -6.91 -12.21 -10.93
CA VAL A 23 -6.36 -10.99 -11.51
C VAL A 23 -5.23 -11.40 -12.45
N LYS A 24 -5.39 -11.09 -13.74
CA LYS A 24 -4.38 -11.48 -14.71
C LYS A 24 -3.60 -10.27 -15.21
N ARG A 25 -2.33 -10.50 -15.54
CA ARG A 25 -1.45 -9.46 -16.04
C ARG A 25 -0.41 -10.05 -16.99
N GLU A 26 0.06 -9.27 -17.94
CA GLU A 26 1.07 -9.75 -18.89
C GLU A 26 2.46 -9.60 -18.31
N VAL A 27 3.31 -10.59 -18.55
CA VAL A 27 4.66 -10.59 -18.03
C VAL A 27 5.71 -11.00 -19.06
N ARG A 28 6.85 -10.31 -19.06
CA ARG A 28 7.94 -10.64 -19.97
C ARG A 28 8.67 -11.85 -19.42
N LEU A 29 8.98 -12.80 -20.29
CA LEU A 29 9.66 -14.03 -19.89
C LEU A 29 11.14 -14.03 -20.22
N ASP A 30 11.66 -12.87 -20.58
CA ASP A 30 13.06 -12.71 -20.95
C ASP A 30 14.04 -13.36 -19.97
N LEU A 31 13.64 -13.53 -18.72
CA LEU A 31 14.52 -14.11 -17.71
C LEU A 31 14.06 -15.50 -17.26
N MET A 32 13.05 -16.01 -17.94
CA MET A 32 12.51 -17.33 -17.65
C MET A 32 11.97 -17.89 -18.96
N PRO A 33 12.84 -18.03 -19.97
CA PRO A 33 12.49 -18.56 -21.30
C PRO A 33 11.78 -19.90 -21.24
N ASP A 34 12.23 -20.74 -20.32
CA ASP A 34 11.67 -22.08 -20.14
C ASP A 34 10.24 -22.06 -19.60
N THR A 35 9.75 -20.87 -19.25
CA THR A 35 8.39 -20.75 -18.72
C THR A 35 7.41 -21.35 -19.70
N LYS A 36 6.28 -21.82 -19.17
CA LYS A 36 5.22 -22.42 -19.97
C LYS A 36 3.98 -22.54 -19.10
N PRO A 37 2.78 -22.57 -19.72
CA PRO A 37 1.51 -22.68 -18.98
C PRO A 37 1.53 -23.69 -17.84
N GLY A 38 0.87 -23.33 -16.74
CA GLY A 38 0.81 -24.20 -15.59
C GLY A 38 1.84 -23.85 -14.54
N ASP A 39 2.92 -23.20 -15.00
CA ASP A 39 4.01 -22.79 -14.12
C ASP A 39 3.58 -21.72 -13.11
N TRP A 40 4.45 -21.49 -12.12
CA TRP A 40 4.22 -20.48 -11.12
C TRP A 40 5.49 -19.68 -11.04
N VAL A 41 5.43 -18.42 -11.46
CA VAL A 41 6.60 -17.56 -11.44
C VAL A 41 6.49 -16.43 -10.44
N ILE A 42 7.65 -15.84 -10.15
CA ILE A 42 7.76 -14.70 -9.24
C ILE A 42 7.85 -13.50 -10.17
N VAL A 43 6.89 -12.59 -10.09
CA VAL A 43 6.94 -11.44 -10.97
C VAL A 43 7.40 -10.16 -10.27
N HIS A 44 8.41 -9.52 -10.85
CA HIS A 44 8.98 -8.28 -10.34
C HIS A 44 9.00 -7.25 -11.45
N THR A 45 8.28 -6.15 -11.25
CA THR A 45 8.21 -5.08 -12.23
C THR A 45 7.86 -5.57 -13.63
N GLY A 46 6.91 -6.51 -13.70
CA GLY A 46 6.48 -7.02 -15.00
C GLY A 46 7.35 -8.06 -15.68
N PHE A 47 8.26 -8.66 -14.92
CA PHE A 47 9.16 -9.69 -15.45
C PHE A 47 9.14 -10.93 -14.57
N ALA A 48 9.20 -12.09 -15.21
CA ALA A 48 9.25 -13.35 -14.47
C ALA A 48 10.72 -13.52 -14.12
N ILE A 49 11.01 -13.73 -12.84
CA ILE A 49 12.41 -13.90 -12.42
C ILE A 49 12.75 -15.30 -11.93
N GLU A 50 11.74 -16.13 -11.73
CA GLU A 50 11.95 -17.48 -11.26
C GLU A 50 10.65 -18.27 -11.17
N LYS A 51 10.77 -19.57 -11.39
CA LYS A 51 9.62 -20.46 -11.31
C LYS A 51 9.66 -21.08 -9.92
N LEU A 52 8.53 -21.62 -9.49
CA LEU A 52 8.46 -22.25 -8.18
C LEU A 52 8.50 -23.77 -8.32
N ASP A 53 8.98 -24.45 -7.30
CA ASP A 53 9.08 -25.91 -7.33
C ASP A 53 8.09 -26.57 -6.37
N PRO B 4 -2.74 -22.74 -1.78
CA PRO B 4 -1.33 -23.11 -2.06
C PRO B 4 -0.39 -22.36 -1.13
N PHE B 5 0.71 -23.00 -0.75
CA PHE B 5 1.69 -22.39 0.15
C PHE B 5 1.02 -21.95 1.45
N GLU B 6 -0.16 -22.52 1.69
CA GLU B 6 -0.93 -22.22 2.89
C GLU B 6 -0.07 -22.37 4.13
N ALA B 7 0.75 -23.41 4.15
CA ALA B 7 1.64 -23.69 5.27
C ALA B 7 2.48 -22.47 5.62
N TYR B 8 3.02 -21.82 4.59
CA TYR B 8 3.88 -20.64 4.78
C TYR B 8 3.20 -19.48 5.48
N ARG B 9 1.89 -19.59 5.71
CA ARG B 9 1.14 -18.55 6.38
C ARG B 9 0.31 -19.13 7.51
N SER B 10 0.37 -20.45 7.65
CA SER B 10 -0.37 -21.16 8.68
C SER B 10 -0.11 -20.62 10.08
N ARG B 11 -1.20 -20.38 10.81
CA ARG B 11 -1.12 -19.88 12.17
C ARG B 11 -0.50 -20.93 13.08
N GLU B 12 -0.57 -22.20 12.67
CA GLU B 12 0.00 -23.28 13.46
C GLU B 12 1.49 -23.34 13.18
N VAL B 13 1.85 -23.48 11.92
CA VAL B 13 3.24 -23.52 11.52
C VAL B 13 4.01 -22.36 12.16
N ALA B 14 3.35 -21.21 12.24
CA ALA B 14 3.94 -20.02 12.82
C ALA B 14 4.13 -20.15 14.32
N MET B 15 3.06 -20.50 15.03
CA MET B 15 3.12 -20.64 16.48
C MET B 15 4.07 -21.73 16.96
N LYS B 16 4.46 -22.61 16.04
CA LYS B 16 5.40 -23.67 16.37
C LYS B 16 6.80 -23.08 16.28
N LEU B 17 7.07 -22.41 15.15
CA LEU B 17 8.35 -21.77 14.90
C LEU B 17 8.63 -20.75 16.00
N VAL B 18 7.60 -20.04 16.41
CA VAL B 18 7.71 -19.03 17.46
C VAL B 18 8.08 -19.70 18.78
N GLU B 19 7.56 -20.91 19.01
CA GLU B 19 7.86 -21.62 20.24
C GLU B 19 9.29 -22.15 20.23
N LYS B 20 9.73 -22.71 19.11
CA LYS B 20 11.09 -23.21 19.02
C LYS B 20 12.05 -22.06 19.27
N ILE B 21 11.80 -20.94 18.59
CA ILE B 21 12.64 -19.75 18.73
C ILE B 21 12.72 -19.33 20.19
N ARG B 22 11.59 -19.30 20.88
CA ARG B 22 11.59 -18.91 22.28
C ARG B 22 12.43 -19.87 23.10
N GLU B 23 12.32 -21.16 22.78
CA GLU B 23 13.06 -22.19 23.48
C GLU B 23 14.56 -21.96 23.32
N GLU B 24 15.01 -21.96 22.07
CA GLU B 24 16.42 -21.74 21.74
C GLU B 24 17.00 -20.45 22.31
N ALA B 25 16.15 -19.52 22.72
CA ALA B 25 16.61 -18.24 23.23
C ALA B 25 16.54 -18.05 24.73
N LYS B 26 15.66 -18.79 25.39
CA LYS B 26 15.52 -18.70 26.85
C LYS B 26 16.84 -19.08 27.50
N THR B 27 17.64 -19.86 26.79
CA THR B 27 18.93 -20.32 27.29
C THR B 27 20.07 -19.49 26.72
N LEU B 28 19.72 -18.44 25.96
CA LEU B 28 20.74 -17.62 25.32
C LEU B 28 21.24 -16.44 26.15
N ASP B 29 22.56 -16.31 26.18
CA ASP B 29 23.22 -15.23 26.92
C ASP B 29 23.46 -14.03 26.03
N GLY B 30 23.46 -12.85 26.63
CA GLY B 30 23.67 -11.64 25.88
C GLY B 30 22.47 -11.35 24.99
N GLU B 31 22.73 -11.09 23.71
CA GLU B 31 21.66 -10.76 22.78
C GLU B 31 22.06 -11.14 21.36
N ILE B 32 21.09 -11.63 20.58
CA ILE B 32 21.37 -11.99 19.21
C ILE B 32 20.69 -10.97 18.28
N ARG B 33 21.46 -10.46 17.33
CA ARG B 33 20.93 -9.48 16.39
C ARG B 33 20.97 -9.97 14.96
N ILE B 34 19.80 -10.11 14.36
CA ILE B 34 19.69 -10.56 12.98
C ILE B 34 19.31 -9.39 12.09
N MET B 35 20.09 -9.19 11.04
CA MET B 35 19.83 -8.13 10.08
C MET B 35 19.40 -8.64 8.71
N HIS B 36 18.36 -8.03 8.16
CA HIS B 36 17.90 -8.38 6.82
C HIS B 36 18.21 -7.15 5.97
N VAL B 37 18.36 -7.31 4.67
CA VAL B 37 18.66 -6.17 3.81
C VAL B 37 17.70 -6.12 2.65
N CYS B 38 16.42 -6.23 2.95
CA CYS B 38 15.39 -6.20 1.93
C CYS B 38 14.13 -5.57 2.52
N GLY B 39 13.69 -4.47 1.90
CA GLY B 39 12.50 -3.78 2.38
C GLY B 39 11.27 -4.65 2.39
N THR B 40 11.24 -5.65 1.52
CA THR B 40 10.08 -6.54 1.46
C THR B 40 10.05 -7.42 2.71
N HIS B 41 11.23 -7.72 3.24
CA HIS B 41 11.33 -8.51 4.47
C HIS B 41 10.89 -7.66 5.65
N GLU B 42 11.24 -6.38 5.60
CA GLU B 42 10.87 -5.47 6.67
C GLU B 42 9.36 -5.36 6.68
N ASP B 43 8.77 -5.36 5.49
CA ASP B 43 7.32 -5.28 5.34
C ASP B 43 6.72 -6.54 5.96
N THR B 44 7.29 -7.70 5.64
CA THR B 44 6.80 -8.97 6.18
C THR B 44 6.89 -8.92 7.71
N VAL B 45 8.08 -8.66 8.23
CA VAL B 45 8.26 -8.60 9.67
C VAL B 45 7.27 -7.66 10.36
N THR B 46 7.16 -6.44 9.85
CA THR B 46 6.28 -5.44 10.44
C THR B 46 4.80 -5.68 10.18
N ARG B 47 4.44 -6.02 8.95
CA ARG B 47 3.05 -6.28 8.62
C ARG B 47 2.44 -7.40 9.47
N HIS B 48 3.19 -8.47 9.66
CA HIS B 48 2.70 -9.61 10.44
C HIS B 48 2.96 -9.54 11.94
N GLY B 49 3.46 -8.40 12.42
CA GLY B 49 3.75 -8.23 13.83
C GLY B 49 4.73 -9.25 14.39
N ILE B 50 5.67 -9.70 13.57
CA ILE B 50 6.65 -10.68 14.01
C ILE B 50 7.52 -10.23 15.19
N ARG B 51 7.84 -8.95 15.28
CA ARG B 51 8.67 -8.47 16.38
C ARG B 51 8.03 -8.69 17.74
N SER B 52 6.70 -8.60 17.79
CA SER B 52 5.98 -8.80 19.04
C SER B 52 5.94 -10.27 19.45
N LEU B 53 6.43 -11.15 18.59
CA LEU B 53 6.43 -12.58 18.87
C LEU B 53 7.82 -13.06 19.27
N LEU B 54 8.81 -12.19 19.11
CA LEU B 54 10.19 -12.52 19.45
C LEU B 54 10.51 -12.27 20.91
N PRO B 55 11.45 -13.06 21.47
CA PRO B 55 11.91 -12.96 22.86
C PRO B 55 12.79 -11.73 23.03
N GLU B 56 12.66 -11.06 24.17
CA GLU B 56 13.45 -9.86 24.45
C GLU B 56 14.92 -9.88 23.99
N ASN B 57 15.56 -11.04 24.00
CA ASN B 57 16.97 -11.13 23.61
C ASN B 57 17.23 -11.41 22.13
N VAL B 58 16.18 -11.40 21.34
CA VAL B 58 16.31 -11.63 19.90
C VAL B 58 15.79 -10.40 19.17
N LYS B 59 16.66 -9.78 18.37
CA LYS B 59 16.27 -8.59 17.64
C LYS B 59 16.45 -8.77 16.13
N VAL B 60 15.53 -8.18 15.37
CA VAL B 60 15.56 -8.19 13.90
C VAL B 60 15.72 -6.74 13.47
N VAL B 61 16.82 -6.42 12.80
CA VAL B 61 17.06 -5.05 12.34
C VAL B 61 17.05 -4.97 10.82
N SER B 62 16.55 -3.85 10.31
CA SER B 62 16.49 -3.65 8.87
C SER B 62 17.70 -2.89 8.35
N GLY B 63 18.40 -3.48 7.40
CA GLY B 63 19.58 -2.86 6.81
C GLY B 63 19.16 -1.96 5.68
N PRO B 64 20.07 -1.61 4.76
N PRO B 64 20.07 -1.56 4.78
CA PRO B 64 19.73 -0.73 3.64
CA PRO B 64 19.75 -0.69 3.65
C PRO B 64 19.02 -1.43 2.47
C PRO B 64 18.99 -1.48 2.59
N GLY B 65 17.96 -2.17 2.78
N GLY B 65 17.80 -1.95 2.93
CA GLY B 65 17.23 -2.86 1.74
CA GLY B 65 17.02 -2.74 2.00
C GLY B 65 16.19 -2.00 1.02
C GLY B 65 16.19 -2.00 0.96
N CYS B 66 16.63 -0.85 0.53
N CYS B 66 16.49 -0.73 0.68
CA CYS B 66 15.76 0.06 -0.19
CA CYS B 66 15.72 0.01 -0.32
C CYS B 66 16.55 0.86 -1.21
C CYS B 66 16.56 0.81 -1.31
N PRO B 67 16.55 0.40 -2.47
N PRO B 67 16.53 0.39 -2.59
CA PRO B 67 17.25 1.03 -3.58
CA PRO B 67 17.27 1.04 -3.66
C PRO B 67 16.88 2.49 -3.87
C PRO B 67 16.93 2.50 -3.93
N VAL B 68 15.62 2.85 -3.63
N VAL B 68 15.66 2.87 -3.77
CA VAL B 68 15.18 4.22 -3.87
CA VAL B 68 15.21 4.24 -3.99
C VAL B 68 15.69 5.14 -2.78
C VAL B 68 15.73 5.14 -2.89
N CYS B 69 15.76 4.62 -1.56
N CYS B 69 15.74 4.56 -1.69
CA CYS B 69 16.24 5.39 -0.43
CA CYS B 69 16.20 5.22 -0.47
C CYS B 69 17.70 5.76 -0.60
C CYS B 69 17.65 5.69 -0.55
N ILE B 70 18.51 4.80 -1.06
CA ILE B 70 19.93 5.05 -1.19
C ILE B 70 20.48 5.68 -2.47
N THR B 71 19.59 6.00 -3.41
CA THR B 71 20.03 6.62 -4.66
C THR B 71 20.50 8.04 -4.33
N PRO B 72 21.77 8.35 -4.62
CA PRO B 72 22.34 9.68 -4.34
C PRO B 72 21.50 10.85 -4.85
N VAL B 73 21.50 11.95 -4.10
CA VAL B 73 20.74 13.11 -4.51
C VAL B 73 21.43 13.71 -5.73
N GLU B 74 22.76 13.56 -5.76
CA GLU B 74 23.57 14.09 -6.85
C GLU B 74 23.09 13.53 -8.20
N ASP B 75 22.64 12.28 -8.17
CA ASP B 75 22.15 11.62 -9.38
C ASP B 75 20.75 12.07 -9.73
N ILE B 76 19.93 12.33 -8.70
CA ILE B 76 18.57 12.78 -8.93
C ILE B 76 18.61 14.21 -9.47
N VAL B 77 19.50 15.02 -8.94
CA VAL B 77 19.63 16.38 -9.40
C VAL B 77 20.18 16.38 -10.83
N ALA B 78 21.17 15.52 -11.08
CA ALA B 78 21.77 15.44 -12.42
C ALA B 78 20.66 15.23 -13.46
N MET B 79 19.88 14.18 -13.28
CA MET B 79 18.77 13.86 -14.18
C MET B 79 17.89 15.08 -14.41
N GLN B 80 17.62 15.85 -13.36
CA GLN B 80 16.80 17.04 -13.48
C GLN B 80 17.51 18.11 -14.29
N LEU B 81 18.82 18.27 -14.07
CA LEU B 81 19.59 19.27 -14.80
C LEU B 81 19.58 18.95 -16.29
N ILE B 82 19.65 17.67 -16.61
CA ILE B 82 19.65 17.20 -18.00
C ILE B 82 18.30 17.43 -18.67
N MET B 83 17.23 17.41 -17.89
CA MET B 83 15.90 17.65 -18.43
C MET B 83 15.86 19.09 -18.87
N ARG B 84 16.41 19.97 -18.06
CA ARG B 84 16.44 21.40 -18.35
C ARG B 84 17.37 21.68 -19.53
N LYS B 85 18.53 21.03 -19.54
CA LYS B 85 19.52 21.20 -20.59
C LYS B 85 18.94 20.80 -21.95
N ALA B 86 18.14 19.74 -21.95
CA ALA B 86 17.52 19.25 -23.18
C ALA B 86 16.48 20.26 -23.63
N ARG B 87 15.67 20.75 -22.70
CA ARG B 87 14.64 21.72 -23.02
C ARG B 87 15.23 22.92 -23.74
N GLU B 88 16.30 23.48 -23.19
CA GLU B 88 16.94 24.63 -23.79
C GLU B 88 17.51 24.28 -25.17
N GLU B 89 17.83 23.01 -25.38
CA GLU B 89 18.36 22.56 -26.67
C GLU B 89 17.21 22.15 -27.60
N GLY B 90 16.02 22.67 -27.33
CA GLY B 90 14.86 22.34 -28.14
C GLY B 90 14.33 20.92 -27.91
N GLU B 91 15.23 20.03 -27.51
CA GLU B 91 14.88 18.63 -27.26
C GLU B 91 14.06 18.46 -25.97
N GLU B 92 12.90 17.80 -26.10
CA GLU B 92 12.06 17.56 -24.95
C GLU B 92 12.20 16.07 -24.63
N ILE B 93 12.51 15.75 -23.37
CA ILE B 93 12.68 14.36 -22.97
C ILE B 93 11.50 13.84 -22.17
N ILE B 94 11.23 12.55 -22.33
CA ILE B 94 10.15 11.89 -21.60
C ILE B 94 10.84 11.07 -20.52
N LEU B 95 10.66 11.48 -19.27
CA LEU B 95 11.29 10.82 -18.14
C LEU B 95 10.35 9.89 -17.38
N THR B 96 10.74 8.63 -17.27
CA THR B 96 9.94 7.68 -16.51
C THR B 96 10.68 7.39 -15.20
N THR B 97 9.91 7.18 -14.15
CA THR B 97 10.48 6.91 -12.84
C THR B 97 9.47 6.08 -12.08
N PHE B 98 9.89 5.46 -10.98
CA PHE B 98 8.97 4.69 -10.18
C PHE B 98 8.16 5.67 -9.31
N GLY B 99 7.01 5.22 -8.84
CA GLY B 99 6.16 6.07 -8.02
C GLY B 99 6.83 6.72 -6.82
N ASP B 100 7.47 5.93 -5.97
CA ASP B 100 8.12 6.53 -4.80
C ASP B 100 9.31 7.40 -5.19
N MET B 101 10.11 6.96 -6.16
CA MET B 101 11.27 7.73 -6.60
C MET B 101 10.82 9.10 -7.07
N TYR B 102 9.67 9.11 -7.74
CA TYR B 102 9.06 10.31 -8.28
C TYR B 102 8.95 11.41 -7.23
N LYS B 103 8.69 11.01 -5.98
CA LYS B 103 8.54 11.98 -4.89
C LYS B 103 9.76 12.14 -3.99
N ILE B 104 10.83 11.40 -4.25
CA ILE B 104 12.04 11.50 -3.44
C ILE B 104 12.54 12.94 -3.40
N PRO B 105 12.74 13.49 -2.19
CA PRO B 105 13.22 14.87 -2.06
C PRO B 105 14.74 14.99 -2.19
N THR B 106 15.17 16.20 -2.53
CA THR B 106 16.58 16.52 -2.66
C THR B 106 16.62 17.99 -2.32
N PRO B 107 17.82 18.52 -2.05
CA PRO B 107 17.93 19.94 -1.70
C PRO B 107 17.34 20.82 -2.79
N MET B 108 17.30 20.29 -3.99
CA MET B 108 16.81 21.04 -5.14
C MET B 108 15.47 20.57 -5.73
N GLY B 109 14.69 19.88 -4.92
CA GLY B 109 13.38 19.41 -5.38
C GLY B 109 13.39 18.02 -5.97
N SER B 110 12.18 17.48 -6.12
CA SER B 110 11.97 16.14 -6.65
C SER B 110 11.51 16.14 -8.10
N PHE B 111 11.41 14.94 -8.65
CA PHE B 111 10.94 14.74 -10.02
C PHE B 111 9.52 15.28 -10.14
N ALA B 112 8.76 15.23 -9.05
CA ALA B 112 7.40 15.75 -9.04
C ALA B 112 7.44 17.26 -9.12
N ASP B 113 8.38 17.88 -8.40
CA ASP B 113 8.50 19.32 -8.46
C ASP B 113 8.79 19.71 -9.90
N LEU B 114 9.55 18.87 -10.60
CA LEU B 114 9.88 19.13 -11.99
C LEU B 114 8.59 19.06 -12.80
N LYS B 115 7.86 17.95 -12.65
CA LYS B 115 6.61 17.75 -13.35
C LYS B 115 5.79 19.04 -13.32
N SER B 116 5.69 19.65 -12.14
CA SER B 116 4.92 20.88 -11.99
C SER B 116 5.47 22.06 -12.79
N GLU B 117 6.69 21.93 -13.30
CA GLU B 117 7.29 23.00 -14.09
C GLU B 117 7.04 22.80 -15.57
N GLY B 118 6.16 21.87 -15.90
CA GLY B 118 5.85 21.62 -17.29
C GLY B 118 6.69 20.56 -17.97
N PHE B 119 7.50 19.84 -17.21
CA PHE B 119 8.31 18.78 -17.79
C PHE B 119 7.50 17.50 -17.87
N ASP B 120 7.85 16.64 -18.82
CA ASP B 120 7.14 15.39 -19.02
C ASP B 120 7.71 14.23 -18.21
N VAL B 121 7.28 14.14 -16.96
CA VAL B 121 7.73 13.07 -16.08
C VAL B 121 6.60 12.08 -15.89
N ARG B 122 6.86 10.82 -16.21
CA ARG B 122 5.84 9.79 -16.08
C ARG B 122 6.24 8.69 -15.10
N ILE B 123 5.28 8.27 -14.29
CA ILE B 123 5.47 7.21 -13.34
C ILE B 123 5.20 5.90 -14.06
N VAL B 124 6.10 4.92 -13.93
CA VAL B 124 5.93 3.61 -14.56
C VAL B 124 6.15 2.52 -13.51
N TYR B 125 5.59 1.34 -13.75
CA TYR B 125 5.75 0.23 -12.81
C TYR B 125 6.97 -0.64 -13.13
N GLY B 126 7.46 -0.52 -14.37
CA GLY B 126 8.60 -1.31 -14.79
C GLY B 126 9.27 -0.68 -15.99
N ILE B 127 10.41 -1.23 -16.41
CA ILE B 127 11.16 -0.70 -17.54
C ILE B 127 10.45 -0.94 -18.87
N PHE B 128 9.66 -2.01 -18.96
CA PHE B 128 8.93 -2.30 -20.20
C PHE B 128 8.01 -1.15 -20.53
N ASP B 129 7.43 -0.54 -19.50
CA ASP B 129 6.55 0.61 -19.69
C ASP B 129 7.32 1.67 -20.44
N THR B 130 8.54 1.90 -20.01
CA THR B 130 9.42 2.90 -20.61
C THR B 130 9.72 2.52 -22.05
N TYR B 131 9.99 1.24 -22.28
CA TYR B 131 10.27 0.72 -23.61
C TYR B 131 9.10 0.99 -24.54
N ARG B 132 7.88 0.78 -24.04
CA ARG B 132 6.70 1.01 -24.85
C ARG B 132 6.58 2.48 -25.21
N ILE B 133 6.79 3.35 -24.23
CA ILE B 133 6.71 4.78 -24.44
C ILE B 133 7.71 5.21 -25.51
N ALA B 134 8.81 4.48 -25.60
CA ALA B 134 9.85 4.78 -26.58
C ALA B 134 9.34 4.53 -27.99
N LYS B 135 8.55 3.48 -28.16
CA LYS B 135 8.00 3.14 -29.46
C LYS B 135 6.79 3.99 -29.84
N GLU B 136 6.11 4.55 -28.84
CA GLU B 136 4.94 5.36 -29.10
C GLU B 136 5.30 6.83 -29.31
N ASN B 137 6.52 7.19 -28.92
CA ASN B 137 6.99 8.56 -29.07
C ASN B 137 8.37 8.59 -29.71
N PRO B 138 8.43 8.37 -31.02
CA PRO B 138 9.70 8.39 -31.74
C PRO B 138 10.24 9.81 -31.89
N ASP B 139 9.33 10.78 -31.85
CA ASP B 139 9.71 12.18 -31.97
C ASP B 139 10.23 12.73 -30.64
N LYS B 140 10.58 11.83 -29.72
CA LYS B 140 11.06 12.24 -28.40
C LYS B 140 11.97 11.20 -27.76
N THR B 141 12.89 11.67 -26.93
CA THR B 141 13.82 10.78 -26.23
C THR B 141 13.21 10.37 -24.90
N VAL B 142 12.89 9.09 -24.76
CA VAL B 142 12.30 8.60 -23.52
C VAL B 142 13.41 8.04 -22.64
N VAL B 143 13.52 8.53 -21.41
CA VAL B 143 14.58 8.05 -20.51
C VAL B 143 14.04 7.60 -19.17
N HIS B 144 14.56 6.48 -18.67
CA HIS B 144 14.13 5.95 -17.40
C HIS B 144 15.20 6.04 -16.31
N PHE B 145 14.94 6.87 -15.30
CA PHE B 145 15.86 7.01 -14.19
C PHE B 145 15.78 5.62 -13.58
N SER B 146 16.85 4.84 -13.72
CA SER B 146 16.85 3.47 -13.21
C SER B 146 17.63 3.12 -11.95
N PRO B 147 16.93 3.08 -10.82
CA PRO B 147 17.57 2.71 -9.56
C PRO B 147 17.21 1.24 -9.33
N GLY B 148 17.68 0.66 -8.22
CA GLY B 148 17.34 -0.73 -7.97
C GLY B 148 18.51 -1.67 -7.74
N PHE B 149 18.20 -2.78 -7.08
CA PHE B 149 19.19 -3.79 -6.80
C PHE B 149 19.17 -4.84 -7.92
N GLU B 150 19.90 -5.94 -7.73
CA GLU B 150 19.96 -7.00 -8.74
C GLU B 150 18.60 -7.39 -9.30
N THR B 151 17.63 -7.55 -8.42
CA THR B 151 16.28 -7.93 -8.83
C THR B 151 15.64 -6.97 -9.84
N THR B 152 16.00 -5.69 -9.76
CA THR B 152 15.44 -4.68 -10.66
C THR B 152 16.38 -4.44 -11.82
N THR B 153 17.66 -4.71 -11.59
CA THR B 153 18.68 -4.53 -12.62
C THR B 153 18.40 -5.47 -13.79
N ALA B 154 18.11 -6.74 -13.47
CA ALA B 154 17.82 -7.76 -14.47
C ALA B 154 16.78 -7.33 -15.53
N PRO B 155 15.60 -6.86 -15.11
CA PRO B 155 14.61 -6.44 -16.10
C PRO B 155 15.12 -5.32 -17.00
N ALA B 156 16.11 -4.58 -16.51
CA ALA B 156 16.68 -3.49 -17.29
C ALA B 156 17.75 -4.05 -18.21
N ALA B 157 18.47 -5.06 -17.71
CA ALA B 157 19.52 -5.71 -18.48
C ALA B 157 18.88 -6.51 -19.61
N GLY B 158 17.64 -6.93 -19.41
CA GLY B 158 16.94 -7.69 -20.43
C GLY B 158 16.30 -6.74 -21.44
N MET B 159 15.80 -5.62 -20.95
CA MET B 159 15.15 -4.64 -21.81
C MET B 159 16.19 -3.94 -22.69
N LEU B 160 17.43 -3.91 -22.22
CA LEU B 160 18.49 -3.27 -22.99
C LEU B 160 18.90 -4.16 -24.15
N ASN B 161 18.68 -5.46 -24.00
CA ASN B 161 19.01 -6.42 -25.03
C ASN B 161 17.95 -6.25 -26.12
N VAL B 162 16.69 -6.41 -25.74
CA VAL B 162 15.57 -6.27 -26.66
C VAL B 162 15.61 -4.92 -27.38
N ALA B 163 16.35 -3.97 -26.83
CA ALA B 163 16.47 -2.63 -27.40
C ALA B 163 17.58 -2.50 -28.45
N ALA B 164 18.70 -3.20 -28.21
CA ALA B 164 19.82 -3.17 -29.13
C ALA B 164 19.40 -3.88 -30.42
N GLN B 165 18.86 -5.08 -30.27
CA GLN B 165 18.41 -5.87 -31.42
C GLN B 165 17.49 -4.97 -32.23
N GLU B 166 16.42 -4.48 -31.59
CA GLU B 166 15.48 -3.58 -32.26
C GLU B 166 16.19 -2.33 -32.76
N GLU B 167 17.42 -2.12 -32.30
CA GLU B 167 18.19 -0.95 -32.69
C GLU B 167 17.39 0.32 -32.42
N LEU B 168 17.00 0.50 -31.16
CA LEU B 168 16.25 1.68 -30.75
C LEU B 168 17.23 2.78 -30.39
N GLU B 169 16.95 4.00 -30.85
CA GLU B 169 17.84 5.12 -30.57
C GLU B 169 17.28 6.09 -29.54
N ASN B 170 16.00 5.96 -29.19
CA ASN B 170 15.38 6.84 -28.22
C ASN B 170 15.05 6.12 -26.91
N PHE B 171 15.81 5.07 -26.61
CA PHE B 171 15.61 4.30 -25.39
C PHE B 171 16.82 4.46 -24.48
N LYS B 172 16.81 5.48 -23.63
CA LYS B 172 17.92 5.74 -22.73
C LYS B 172 17.52 5.61 -21.26
N ILE B 173 18.51 5.36 -20.40
CA ILE B 173 18.26 5.23 -18.97
C ILE B 173 19.43 5.72 -18.14
N TYR B 174 19.13 6.36 -17.01
CA TYR B 174 20.16 6.85 -16.10
C TYR B 174 20.37 5.75 -15.07
N SER B 175 21.48 5.02 -15.20
CA SER B 175 21.76 3.93 -14.28
C SER B 175 22.18 4.37 -12.89
N VAL B 176 21.46 3.87 -11.89
CA VAL B 176 21.76 4.16 -10.50
C VAL B 176 21.58 2.83 -9.76
N HIS B 177 21.90 1.74 -10.44
CA HIS B 177 21.79 0.41 -9.89
C HIS B 177 22.85 0.14 -8.83
N ARG B 178 22.51 -0.69 -7.86
CA ARG B 178 23.42 -1.00 -6.77
C ARG B 178 23.42 -2.51 -6.48
N LEU B 179 24.48 -2.97 -5.84
CA LEU B 179 24.64 -4.39 -5.51
C LEU B 179 24.53 -4.55 -4.00
N THR B 180 23.72 -5.52 -3.57
CA THR B 180 23.49 -5.76 -2.15
C THR B 180 24.67 -6.37 -1.36
N PRO B 181 25.25 -7.49 -1.82
CA PRO B 181 26.38 -8.07 -1.07
C PRO B 181 27.49 -7.10 -0.66
N PRO B 182 27.93 -6.22 -1.57
CA PRO B 182 29.00 -5.28 -1.23
C PRO B 182 28.66 -4.40 -0.02
N ALA B 183 27.53 -3.71 -0.11
CA ALA B 183 27.08 -2.83 0.97
C ALA B 183 27.05 -3.57 2.30
N VAL B 184 26.69 -4.85 2.25
CA VAL B 184 26.62 -5.68 3.45
C VAL B 184 28.00 -5.82 4.07
N GLU B 185 29.01 -5.97 3.22
CA GLU B 185 30.37 -6.11 3.69
C GLU B 185 30.79 -4.79 4.33
N VAL B 186 30.51 -3.69 3.65
CA VAL B 186 30.87 -2.37 4.16
C VAL B 186 30.33 -2.17 5.58
N LEU B 187 29.08 -2.55 5.80
CA LEU B 187 28.48 -2.40 7.11
C LEU B 187 29.23 -3.22 8.14
N LEU B 188 29.82 -4.33 7.69
CA LEU B 188 30.58 -5.21 8.57
C LEU B 188 31.85 -4.48 9.00
N LYS B 189 32.57 -3.96 8.02
CA LYS B 189 33.81 -3.23 8.24
C LYS B 189 33.61 -1.94 9.02
N GLN B 190 32.35 -1.57 9.26
CA GLN B 190 32.06 -0.33 9.97
C GLN B 190 31.38 -0.48 11.32
N GLY B 191 31.31 -1.71 11.82
CA GLY B 191 30.71 -1.91 13.13
C GLY B 191 29.23 -2.20 13.28
N THR B 192 28.45 -2.16 12.19
CA THR B 192 27.04 -2.46 12.33
C THR B 192 26.92 -3.84 12.97
N VAL B 193 26.36 -3.89 14.18
CA VAL B 193 26.22 -5.13 14.93
C VAL B 193 25.06 -6.07 14.59
N PHE B 194 25.41 -7.31 14.32
CA PHE B 194 24.46 -8.39 14.01
C PHE B 194 25.22 -9.69 13.88
N GLN B 195 24.67 -10.76 14.45
CA GLN B 195 25.31 -12.07 14.42
C GLN B 195 24.70 -13.02 13.38
N GLY B 196 23.72 -12.52 12.63
CA GLY B 196 23.08 -13.34 11.62
C GLY B 196 22.52 -12.48 10.51
N LEU B 197 22.52 -13.00 9.28
CA LEU B 197 22.02 -12.25 8.13
C LEU B 197 20.93 -12.95 7.32
N ILE B 198 19.75 -12.33 7.26
CA ILE B 198 18.67 -12.88 6.47
C ILE B 198 18.91 -12.29 5.07
N ALA B 199 19.48 -13.09 4.16
CA ALA B 199 19.74 -12.62 2.81
C ALA B 199 18.42 -12.44 2.06
N PRO B 200 18.30 -11.35 1.29
CA PRO B 200 17.09 -11.03 0.52
C PRO B 200 16.65 -12.11 -0.47
N GLY B 201 15.40 -12.56 -0.33
CA GLY B 201 14.88 -13.58 -1.20
C GLY B 201 15.07 -13.34 -2.69
N HIS B 202 14.44 -12.28 -3.20
CA HIS B 202 14.52 -11.98 -4.62
C HIS B 202 15.89 -11.63 -5.20
N VAL B 203 16.71 -10.90 -4.46
CA VAL B 203 18.05 -10.60 -4.99
C VAL B 203 18.83 -11.91 -5.08
N SER B 204 18.45 -12.87 -4.24
CA SER B 204 19.09 -14.18 -4.24
C SER B 204 18.67 -14.93 -5.50
N THR B 205 17.36 -14.94 -5.75
CA THR B 205 16.81 -15.58 -6.93
C THR B 205 17.69 -15.30 -8.15
N ILE B 206 18.24 -14.09 -8.19
CA ILE B 206 19.09 -13.67 -9.30
C ILE B 206 20.53 -14.16 -9.14
N ILE B 207 21.19 -13.75 -8.07
CA ILE B 207 22.59 -14.16 -7.85
C ILE B 207 22.72 -15.49 -7.12
N GLY B 208 21.59 -16.14 -6.83
CA GLY B 208 21.59 -17.41 -6.13
C GLY B 208 22.36 -17.47 -4.83
N VAL B 209 22.30 -18.61 -4.15
CA VAL B 209 23.01 -18.79 -2.89
C VAL B 209 24.50 -18.52 -3.07
N LYS B 210 25.00 -18.80 -4.26
CA LYS B 210 26.42 -18.62 -4.57
C LYS B 210 26.90 -17.19 -4.36
N GLY B 211 26.07 -16.22 -4.73
CA GLY B 211 26.45 -14.82 -4.58
C GLY B 211 26.72 -14.32 -3.17
N TRP B 212 26.18 -15.03 -2.17
CA TRP B 212 26.34 -14.64 -0.78
C TRP B 212 27.41 -15.43 -0.03
N GLU B 213 27.98 -16.45 -0.65
CA GLU B 213 28.99 -17.26 0.01
C GLU B 213 30.24 -16.49 0.42
N TYR B 214 30.76 -15.66 -0.48
CA TYR B 214 31.96 -14.90 -0.20
C TYR B 214 31.91 -14.12 1.13
N LEU B 215 30.71 -13.99 1.70
CA LEU B 215 30.57 -13.26 2.97
C LEU B 215 30.70 -14.17 4.17
N THR B 216 29.96 -15.27 4.18
CA THR B 216 30.01 -16.22 5.30
C THR B 216 31.39 -16.84 5.42
N GLU B 217 32.13 -16.83 4.32
CA GLU B 217 33.47 -17.40 4.31
C GLU B 217 34.52 -16.40 4.78
N LYS B 218 34.40 -15.16 4.31
CA LYS B 218 35.37 -14.13 4.68
C LYS B 218 35.12 -13.44 6.02
N TYR B 219 33.98 -13.74 6.66
CA TYR B 219 33.67 -13.12 7.95
C TYR B 219 33.00 -14.12 8.87
N GLY B 220 32.71 -15.31 8.35
CA GLY B 220 32.08 -16.35 9.16
C GLY B 220 30.68 -16.02 9.66
N ILE B 221 29.94 -15.23 8.89
CA ILE B 221 28.58 -14.85 9.27
C ILE B 221 27.55 -15.81 8.69
N PRO B 222 26.70 -16.39 9.54
CA PRO B 222 25.69 -17.32 9.05
C PRO B 222 24.53 -16.62 8.31
N GLN B 223 24.47 -16.85 7.00
CA GLN B 223 23.43 -16.27 6.16
C GLN B 223 22.30 -17.28 5.89
N VAL B 224 21.10 -16.76 5.61
CA VAL B 224 19.94 -17.60 5.34
C VAL B 224 18.98 -16.99 4.32
N VAL B 225 19.07 -17.44 3.07
CA VAL B 225 18.19 -16.95 2.02
C VAL B 225 16.75 -17.29 2.41
N ALA B 226 15.90 -16.28 2.54
CA ALA B 226 14.51 -16.51 2.92
C ALA B 226 13.47 -15.89 1.99
N GLY B 227 12.28 -16.49 1.99
CA GLY B 227 11.18 -16.00 1.16
C GLY B 227 10.56 -14.80 1.87
N PHE B 228 9.28 -14.53 1.61
CA PHE B 228 8.65 -13.38 2.25
C PHE B 228 7.35 -13.67 2.98
N GLU B 229 7.01 -14.95 3.10
CA GLU B 229 5.80 -15.28 3.84
C GLU B 229 6.24 -15.16 5.30
N PRO B 230 5.29 -14.90 6.21
CA PRO B 230 5.66 -14.77 7.61
C PRO B 230 6.44 -15.97 8.18
N ASN B 231 6.09 -17.18 7.74
CA ASN B 231 6.80 -18.35 8.25
C ASN B 231 8.19 -18.51 7.64
N ASP B 232 8.44 -17.86 6.51
CA ASP B 232 9.75 -17.94 5.88
C ASP B 232 10.73 -17.22 6.80
N VAL B 233 10.33 -16.02 7.24
CA VAL B 233 11.15 -15.21 8.11
C VAL B 233 11.31 -15.81 9.50
N LEU B 234 10.22 -16.37 10.04
CA LEU B 234 10.30 -17.00 11.35
C LEU B 234 11.26 -18.20 11.29
N MET B 235 11.16 -18.96 10.19
CA MET B 235 12.02 -20.12 9.98
C MET B 235 13.47 -19.65 9.99
N ALA B 236 13.75 -18.69 9.12
CA ALA B 236 15.09 -18.12 8.99
C ALA B 236 15.65 -17.66 10.34
N ILE B 237 14.81 -17.02 11.15
CA ILE B 237 15.25 -16.54 12.46
C ILE B 237 15.67 -17.70 13.34
N LEU B 238 14.85 -18.75 13.35
CA LEU B 238 15.14 -19.95 14.13
C LEU B 238 16.44 -20.57 13.59
N MET B 239 16.49 -20.77 12.29
CA MET B 239 17.67 -21.35 11.67
C MET B 239 18.91 -20.54 12.05
N LEU B 240 18.78 -19.22 12.06
CA LEU B 240 19.91 -18.34 12.40
C LEU B 240 20.30 -18.43 13.86
N ILE B 241 19.31 -18.45 14.75
CA ILE B 241 19.60 -18.53 16.18
C ILE B 241 20.42 -19.78 16.48
N ARG B 242 20.09 -20.88 15.81
CA ARG B 242 20.78 -22.15 16.01
C ARG B 242 22.20 -22.19 15.44
N MET B 243 22.41 -21.59 14.27
CA MET B 243 23.76 -21.59 13.70
C MET B 243 24.68 -20.68 14.51
N TYR B 244 24.06 -19.87 15.36
CA TYR B 244 24.80 -18.95 16.21
C TYR B 244 25.17 -19.70 17.48
N LYS B 245 24.17 -20.37 18.05
CA LYS B 245 24.39 -21.14 19.28
C LYS B 245 25.38 -22.28 19.07
N GLU B 246 25.31 -22.91 17.91
CA GLU B 246 26.20 -24.02 17.59
C GLU B 246 27.45 -23.56 16.84
N GLY B 247 27.71 -22.27 16.88
CA GLY B 247 28.89 -21.74 16.21
C GLY B 247 29.01 -22.07 14.74
N GLU B 248 27.90 -22.40 14.09
CA GLU B 248 27.96 -22.72 12.67
C GLU B 248 28.23 -21.44 11.89
N ALA B 249 28.72 -21.59 10.67
CA ALA B 249 29.01 -20.45 9.82
C ALA B 249 28.83 -20.86 8.37
N ARG B 250 27.58 -21.00 7.96
CA ARG B 250 27.25 -21.40 6.59
C ARG B 250 26.01 -20.70 6.08
N ILE B 251 25.61 -21.04 4.86
CA ILE B 251 24.43 -20.44 4.24
C ILE B 251 23.34 -21.46 3.96
N ILE B 252 22.17 -21.27 4.57
CA ILE B 252 21.03 -22.17 4.37
C ILE B 252 20.06 -21.48 3.41
N ASN B 253 19.61 -22.21 2.39
CA ASN B 253 18.67 -21.66 1.42
C ASN B 253 17.24 -22.03 1.76
N GLU B 254 16.66 -21.35 2.74
CA GLU B 254 15.29 -21.61 3.17
C GLU B 254 14.31 -21.36 2.02
N TYR B 255 14.72 -20.51 1.08
CA TYR B 255 13.90 -20.15 -0.07
C TYR B 255 14.31 -20.97 -1.29
N GLU B 256 14.52 -22.27 -1.08
CA GLU B 256 14.93 -23.17 -2.15
C GLU B 256 13.87 -23.33 -3.24
N ARG B 257 12.61 -23.14 -2.87
CA ARG B 257 11.51 -23.27 -3.82
C ARG B 257 11.57 -22.21 -4.90
N ALA B 258 12.29 -21.12 -4.65
CA ALA B 258 12.38 -20.02 -5.60
C ALA B 258 13.80 -19.65 -6.01
N VAL B 259 14.80 -20.19 -5.31
CA VAL B 259 16.17 -19.85 -5.64
C VAL B 259 17.03 -21.06 -5.97
N LYS B 260 17.88 -20.91 -6.98
CA LYS B 260 18.80 -21.96 -7.41
C LYS B 260 20.15 -21.62 -6.80
N TYR B 261 20.97 -22.63 -6.54
CA TYR B 261 22.28 -22.38 -5.97
C TYR B 261 23.02 -21.38 -6.86
N GLU B 262 23.09 -21.68 -8.16
CA GLU B 262 23.76 -20.79 -9.10
C GLU B 262 22.94 -19.55 -9.31
N GLY B 263 21.66 -19.63 -8.94
CA GLY B 263 20.76 -18.50 -9.10
C GLY B 263 20.10 -18.50 -10.45
N ASN B 264 20.19 -17.37 -11.16
CA ASN B 264 19.59 -17.22 -12.48
C ASN B 264 20.65 -16.79 -13.47
N VAL B 265 21.22 -17.76 -14.18
CA VAL B 265 22.28 -17.56 -15.16
C VAL B 265 21.99 -16.52 -16.24
N VAL B 266 20.84 -16.65 -16.91
CA VAL B 266 20.47 -15.71 -17.97
C VAL B 266 20.65 -14.26 -17.52
N ALA B 267 19.94 -13.90 -16.45
CA ALA B 267 19.98 -12.56 -15.90
C ALA B 267 21.39 -12.13 -15.55
N GLN B 268 22.15 -13.02 -14.93
CA GLN B 268 23.53 -12.71 -14.57
C GLN B 268 24.35 -12.24 -15.77
N LYS B 269 24.31 -13.02 -16.85
CA LYS B 269 25.05 -12.65 -18.06
C LYS B 269 24.32 -11.51 -18.75
N MET B 270 22.99 -11.53 -18.66
CA MET B 270 22.17 -10.50 -19.26
C MET B 270 22.58 -9.16 -18.68
N ILE B 271 22.85 -9.15 -17.38
CA ILE B 271 23.28 -7.94 -16.68
C ILE B 271 24.74 -7.66 -17.02
N ASP B 272 25.55 -8.72 -17.05
CA ASP B 272 26.96 -8.62 -17.35
C ASP B 272 27.18 -8.07 -18.76
N LYS B 273 26.32 -8.47 -19.70
CA LYS B 273 26.43 -8.02 -21.07
C LYS B 273 26.34 -6.51 -21.20
N PHE B 274 25.78 -5.84 -20.18
CA PHE B 274 25.64 -4.40 -20.24
C PHE B 274 26.27 -3.60 -19.09
N PHE B 275 26.20 -4.11 -17.86
CA PHE B 275 26.75 -3.37 -16.72
C PHE B 275 28.06 -3.92 -16.17
N GLU B 276 28.81 -3.03 -15.50
CA GLU B 276 30.09 -3.39 -14.89
C GLU B 276 30.15 -2.87 -13.45
N VAL B 277 30.46 -3.75 -12.50
CA VAL B 277 30.56 -3.33 -11.09
C VAL B 277 31.50 -2.14 -10.99
N VAL B 278 31.07 -1.09 -10.30
CA VAL B 278 31.88 0.12 -10.13
C VAL B 278 31.69 0.70 -8.73
N ASP B 279 32.50 1.70 -8.38
CA ASP B 279 32.37 2.33 -7.08
C ASP B 279 31.18 3.30 -7.16
N ALA B 280 30.33 3.27 -6.14
CA ALA B 280 29.16 4.14 -6.13
C ALA B 280 28.85 4.69 -4.75
N LYS B 281 28.16 5.82 -4.73
CA LYS B 281 27.78 6.44 -3.48
C LYS B 281 26.39 6.01 -3.06
N TRP B 282 26.23 5.71 -1.77
CA TRP B 282 24.94 5.34 -1.24
C TRP B 282 24.46 6.53 -0.42
N ARG B 283 23.29 7.08 -0.78
CA ARG B 283 22.76 8.25 -0.07
C ARG B 283 22.68 8.09 1.45
N ALA B 284 23.25 9.05 2.15
CA ALA B 284 23.26 9.04 3.60
C ALA B 284 24.17 7.97 4.22
N LEU B 285 24.86 7.20 3.39
CA LEU B 285 25.74 6.15 3.90
C LEU B 285 27.22 6.30 3.59
N GLY B 286 27.52 6.81 2.41
CA GLY B 286 28.90 7.00 2.01
C GLY B 286 29.17 6.32 0.69
N VAL B 287 30.41 6.36 0.24
CA VAL B 287 30.80 5.75 -1.01
C VAL B 287 31.28 4.33 -0.78
N PHE B 288 30.47 3.34 -1.17
CA PHE B 288 30.81 1.93 -1.01
C PHE B 288 31.56 1.42 -2.25
N PRO B 289 32.65 0.66 -2.02
CA PRO B 289 33.46 0.11 -3.11
C PRO B 289 32.77 -1.00 -3.89
N LYS B 290 32.93 -0.96 -5.22
CA LYS B 290 32.34 -1.97 -6.11
C LYS B 290 30.94 -2.35 -5.62
N SER B 291 30.05 -1.37 -5.58
CA SER B 291 28.69 -1.59 -5.11
C SER B 291 27.67 -1.07 -6.10
N GLY B 292 28.15 -0.41 -7.15
CA GLY B 292 27.26 0.12 -8.16
C GLY B 292 27.45 -0.49 -9.53
N LEU B 293 26.49 -0.27 -10.42
CA LEU B 293 26.54 -0.79 -11.78
C LEU B 293 26.35 0.31 -12.80
N GLU B 294 27.31 0.45 -13.71
CA GLU B 294 27.23 1.45 -14.77
C GLU B 294 27.38 0.77 -16.14
N LEU B 295 26.77 1.36 -17.16
CA LEU B 295 26.82 0.81 -18.52
C LEU B 295 28.24 0.78 -19.09
N ARG B 296 28.60 -0.35 -19.70
CA ARG B 296 29.92 -0.53 -20.30
C ARG B 296 30.13 0.42 -21.46
N LYS B 297 31.40 0.68 -21.76
CA LYS B 297 31.78 1.59 -22.84
C LYS B 297 31.03 1.39 -24.16
N GLU B 298 30.64 0.15 -24.45
CA GLU B 298 29.95 -0.16 -25.69
C GLU B 298 28.50 0.29 -25.63
N TRP B 299 27.79 -0.21 -24.62
CA TRP B 299 26.38 0.12 -24.44
C TRP B 299 26.28 1.47 -23.74
N LYS B 300 27.21 2.35 -24.08
CA LYS B 300 27.25 3.68 -23.51
C LYS B 300 26.21 4.58 -24.16
N ASP B 301 25.73 4.18 -25.34
CA ASP B 301 24.75 4.97 -26.04
C ASP B 301 23.37 4.82 -25.43
N PHE B 302 23.25 3.92 -24.45
CA PHE B 302 21.98 3.73 -23.77
C PHE B 302 21.91 4.59 -22.51
N GLU B 303 23.07 5.11 -22.09
CA GLU B 303 23.13 5.97 -20.92
C GLU B 303 22.79 7.41 -21.31
N ILE B 304 21.80 7.98 -20.62
CA ILE B 304 21.36 9.34 -20.91
C ILE B 304 22.44 10.39 -20.69
N ARG B 305 23.47 10.04 -19.92
CA ARG B 305 24.55 10.99 -19.65
C ARG B 305 25.60 11.04 -20.76
N SER B 306 25.49 10.14 -21.73
CA SER B 306 26.43 10.11 -22.84
C SER B 306 25.96 11.10 -23.90
N PHE B 307 24.90 11.83 -23.60
CA PHE B 307 24.33 12.80 -24.52
C PHE B 307 24.20 14.18 -23.86
N TYR B 308 24.49 14.23 -22.57
CA TYR B 308 24.40 15.49 -21.83
C TYR B 308 25.35 15.47 -20.64
N LYS B 309 26.13 16.55 -20.51
CA LYS B 309 27.07 16.68 -19.41
C LYS B 309 26.65 17.88 -18.58
N VAL B 310 26.16 17.63 -17.36
CA VAL B 310 25.70 18.70 -16.49
C VAL B 310 26.62 18.90 -15.28
N GLU B 311 26.63 20.12 -14.77
CA GLU B 311 27.45 20.47 -13.61
C GLU B 311 26.57 20.44 -12.35
N VAL B 312 26.65 19.35 -11.60
CA VAL B 312 25.88 19.20 -10.38
C VAL B 312 26.60 19.91 -9.22
N PRO B 313 25.94 20.92 -8.61
CA PRO B 313 26.54 21.66 -7.49
C PRO B 313 27.08 20.76 -6.39
N LYS B 314 28.19 21.18 -5.80
CA LYS B 314 28.84 20.42 -4.74
C LYS B 314 28.20 20.66 -3.38
N ASN B 315 28.56 19.80 -2.43
CA ASN B 315 28.07 19.88 -1.06
C ASN B 315 26.57 19.75 -0.87
N LEU B 316 25.90 19.06 -1.78
CA LEU B 316 24.47 18.87 -1.63
C LEU B 316 24.23 17.95 -0.44
N PRO B 317 23.62 18.48 0.63
CA PRO B 317 23.36 17.65 1.81
C PRO B 317 22.50 16.44 1.45
N ASP B 318 22.87 15.29 1.99
CA ASP B 318 22.17 14.03 1.72
C ASP B 318 20.79 13.94 2.32
N LEU B 319 20.59 14.57 3.47
CA LEU B 319 19.31 14.53 4.17
C LEU B 319 18.98 15.88 4.78
N GLU B 320 17.72 16.06 5.17
CA GLU B 320 17.29 17.30 5.81
C GLU B 320 17.73 17.25 7.28
N LYS B 321 17.93 18.40 7.90
CA LYS B 321 18.37 18.42 9.29
C LYS B 321 17.36 17.70 10.18
N GLY B 322 17.85 16.87 11.08
CA GLY B 322 16.95 16.14 11.97
C GLY B 322 16.64 14.73 11.52
N CYS B 323 16.74 14.50 10.21
CA CYS B 323 16.46 13.19 9.64
C CYS B 323 17.56 12.21 10.03
N ARG B 324 17.17 11.01 10.45
CA ARG B 324 18.11 9.97 10.86
C ARG B 324 18.02 8.73 9.98
N CYS B 325 17.56 8.91 8.75
CA CYS B 325 17.40 7.82 7.79
C CYS B 325 18.74 7.08 7.56
N GLY B 326 19.85 7.82 7.64
CA GLY B 326 21.16 7.20 7.49
C GLY B 326 21.36 6.11 8.53
N ALA B 327 20.99 6.38 9.78
CA ALA B 327 21.13 5.38 10.84
C ALA B 327 20.09 4.27 10.70
N VAL B 328 18.90 4.63 10.19
CA VAL B 328 17.83 3.66 9.96
C VAL B 328 18.32 2.67 8.90
N LEU B 329 18.95 3.22 7.87
CA LEU B 329 19.48 2.41 6.78
C LEU B 329 20.55 1.45 7.28
N ARG B 330 21.26 1.81 8.35
CA ARG B 330 22.30 0.97 8.90
C ARG B 330 21.79 -0.03 9.92
N GLY B 331 20.51 0.05 10.24
CA GLY B 331 19.96 -0.87 11.21
C GLY B 331 20.44 -0.50 12.61
N LEU B 332 20.94 0.73 12.74
CA LEU B 332 21.43 1.23 14.00
C LEU B 332 20.39 2.09 14.69
N ALA B 333 19.33 2.44 13.96
CA ALA B 333 18.28 3.26 14.52
C ALA B 333 16.89 2.81 14.08
N LEU B 334 15.90 3.10 14.92
CA LEU B 334 14.51 2.78 14.60
C LEU B 334 13.90 4.09 14.16
N PRO B 335 12.95 4.07 13.21
CA PRO B 335 12.32 5.32 12.77
C PRO B 335 11.65 6.10 13.90
N THR B 336 11.17 5.37 14.91
CA THR B 336 10.54 5.99 16.07
C THR B 336 11.56 6.77 16.91
N ASP B 337 12.85 6.47 16.72
CA ASP B 337 13.90 7.18 17.44
C ASP B 337 13.99 8.58 16.85
N CYS B 338 13.50 8.71 15.64
CA CYS B 338 13.55 9.99 14.96
C CYS B 338 12.53 10.99 15.48
N PRO B 339 12.98 12.23 15.77
CA PRO B 339 12.08 13.27 16.27
C PRO B 339 11.00 13.68 15.28
N LEU B 340 11.30 13.53 14.00
CA LEU B 340 10.36 13.90 12.93
C LEU B 340 9.35 12.79 12.63
N PHE B 341 9.69 11.56 12.98
CA PHE B 341 8.80 10.44 12.72
C PHE B 341 7.36 10.69 13.15
N GLY B 342 6.43 10.62 12.20
CA GLY B 342 5.03 10.80 12.51
C GLY B 342 4.64 12.22 12.87
N LYS B 343 5.61 13.12 12.85
CA LYS B 343 5.36 14.52 13.16
C LYS B 343 5.36 15.26 11.83
N THR B 344 6.47 15.91 11.49
CA THR B 344 6.51 16.61 10.22
C THR B 344 6.79 15.63 9.09
N CYS B 345 7.22 14.43 9.46
CA CYS B 345 7.52 13.42 8.46
C CYS B 345 6.53 12.26 8.45
N THR B 346 5.83 12.11 7.33
CA THR B 346 4.85 11.04 7.15
C THR B 346 4.92 10.70 5.67
N PRO B 347 4.27 9.60 5.26
CA PRO B 347 4.28 9.20 3.85
C PRO B 347 3.71 10.28 2.94
N ARG B 348 2.67 10.96 3.43
N ARG B 348 2.67 10.96 3.43
CA ARG B 348 2.04 12.02 2.65
CA ARG B 348 2.04 12.02 2.64
C ARG B 348 2.95 13.23 2.50
C ARG B 348 2.95 13.23 2.49
N HIS B 349 3.61 13.63 3.58
CA HIS B 349 4.52 14.76 3.54
C HIS B 349 5.84 14.36 4.18
N PRO B 350 6.64 13.56 3.45
CA PRO B 350 7.95 13.06 3.86
C PRO B 350 9.08 14.08 3.94
N VAL B 351 9.93 13.91 4.94
CA VAL B 351 11.08 14.77 5.11
C VAL B 351 12.29 14.04 4.57
N GLY B 352 12.36 12.73 4.84
CA GLY B 352 13.49 11.92 4.40
C GLY B 352 13.14 10.87 3.37
N PRO B 353 14.13 10.25 2.72
CA PRO B 353 13.81 9.23 1.71
C PRO B 353 13.26 7.93 2.28
N CYS B 354 13.69 7.59 3.48
CA CYS B 354 13.20 6.36 4.15
C CYS B 354 11.67 6.35 4.34
N MET B 355 11.05 7.52 4.41
CA MET B 355 9.61 7.61 4.60
C MET B 355 8.87 7.60 3.25
N VAL B 356 9.52 8.15 2.23
CA VAL B 356 8.95 8.22 0.89
C VAL B 356 8.87 6.87 0.18
N SER B 357 9.95 6.12 0.25
N SER B 357 9.94 6.10 0.24
CA SER B 357 10.07 4.82 -0.42
CA SER B 357 9.96 4.82 -0.46
C SER B 357 9.07 3.76 0.07
C SER B 357 8.99 3.80 0.06
N TYR B 358 8.63 2.89 -0.83
CA TYR B 358 7.69 1.82 -0.52
C TYR B 358 8.39 0.78 0.34
N GLU B 359 9.70 0.64 0.13
CA GLU B 359 10.49 -0.31 0.90
C GLU B 359 11.24 0.44 1.98
N GLY B 360 10.91 1.71 2.15
CA GLY B 360 11.55 2.51 3.18
C GLY B 360 11.13 1.98 4.54
N THR B 361 12.09 1.83 5.46
CA THR B 361 11.80 1.32 6.78
C THR B 361 10.87 2.26 7.55
N CYS B 362 11.06 3.56 7.40
CA CYS B 362 10.20 4.53 8.08
C CYS B 362 8.77 4.48 7.58
N GLN B 363 8.60 4.36 6.27
CA GLN B 363 7.27 4.30 5.71
C GLN B 363 6.58 3.04 6.19
N ILE B 364 7.33 1.94 6.24
CA ILE B 364 6.77 0.69 6.69
C ILE B 364 6.34 0.77 8.16
N PHE B 365 7.18 1.35 9.01
CA PHE B 365 6.83 1.48 10.42
C PHE B 365 5.59 2.35 10.58
N TYR B 366 5.56 3.45 9.83
CA TYR B 366 4.44 4.37 9.88
C TYR B 366 3.12 3.72 9.42
N LYS B 367 3.19 3.14 8.24
CA LYS B 367 2.07 2.47 7.60
C LYS B 367 1.42 1.39 8.46
N TYR B 368 2.22 0.72 9.28
CA TYR B 368 1.77 -0.39 10.12
C TYR B 368 1.63 -0.19 11.63
N GLY B 369 1.76 1.02 12.14
CA GLY B 369 1.56 1.19 13.58
C GLY B 369 2.37 0.26 14.46
N VAL B 370 3.69 0.37 14.40
CA VAL B 370 4.57 -0.49 15.20
C VAL B 370 4.35 -0.33 16.72
N LEU B 371 4.50 -1.44 17.45
CA LEU B 371 4.26 -1.44 18.89
C LEU B 371 5.46 -0.84 19.64
N GLU C 3 -0.50 28.80 3.12
CA GLU C 3 -1.12 27.48 3.46
C GLU C 3 -2.19 27.15 2.43
N LYS C 4 -2.05 26.00 1.77
CA LYS C 4 -3.01 25.58 0.76
C LYS C 4 -3.75 24.29 1.12
N ILE C 5 -4.91 24.11 0.51
CA ILE C 5 -5.72 22.91 0.71
C ILE C 5 -5.12 21.82 -0.17
N LYS C 6 -4.91 20.65 0.40
CA LYS C 6 -4.35 19.53 -0.38
C LYS C 6 -5.37 18.42 -0.58
N LEU C 7 -5.16 17.61 -1.61
CA LEU C 7 -6.05 16.47 -1.92
C LEU C 7 -6.31 15.68 -0.62
N GLU C 8 -5.31 15.63 0.23
CA GLU C 8 -5.37 14.92 1.51
C GLU C 8 -6.43 15.49 2.44
N HIS C 9 -6.68 16.79 2.35
CA HIS C 9 -7.66 17.41 3.22
C HIS C 9 -9.10 16.93 2.99
N GLY C 10 -9.30 16.21 1.89
CA GLY C 10 -10.64 15.69 1.61
C GLY C 10 -10.62 14.19 1.38
N ALA C 11 -9.62 13.51 1.93
CA ALA C 11 -9.49 12.06 1.74
C ALA C 11 -10.06 11.21 2.89
N GLY C 12 -10.78 11.86 3.81
CA GLY C 12 -11.38 11.16 4.92
C GLY C 12 -10.46 10.53 5.95
N GLY C 13 -9.17 10.80 5.85
CA GLY C 13 -8.22 10.23 6.80
C GLY C 13 -7.91 11.16 7.95
N GLU C 14 -6.65 11.12 8.40
CA GLU C 14 -6.15 11.93 9.52
C GLU C 14 -5.94 13.38 9.11
N ILE C 15 -5.32 13.59 7.96
CA ILE C 15 -5.07 14.93 7.45
C ILE C 15 -6.38 15.71 7.33
N MET C 16 -7.45 15.03 6.94
CA MET C 16 -8.75 15.67 6.82
C MET C 16 -9.28 15.96 8.22
N GLU C 17 -8.89 15.13 9.17
CA GLU C 17 -9.34 15.30 10.54
C GLU C 17 -8.72 16.59 11.06
N GLU C 18 -7.48 16.84 10.63
CA GLU C 18 -6.77 18.04 11.04
C GLU C 18 -7.54 19.27 10.56
N LEU C 19 -7.89 19.27 9.27
CA LEU C 19 -8.63 20.38 8.67
C LEU C 19 -9.94 20.65 9.41
N LEU C 20 -10.64 19.59 9.77
CA LEU C 20 -11.90 19.72 10.48
C LEU C 20 -11.70 20.36 11.84
N ARG C 21 -10.64 19.93 12.52
CA ARG C 21 -10.32 20.42 13.87
C ARG C 21 -9.55 21.73 13.86
N ASP C 22 -8.67 21.90 12.86
CA ASP C 22 -7.87 23.10 12.74
C ASP C 22 -8.66 24.27 12.16
N VAL C 23 -9.77 23.98 11.48
CA VAL C 23 -10.55 25.03 10.84
C VAL C 23 -12.07 24.96 10.95
N ILE C 24 -12.67 23.98 10.29
CA ILE C 24 -14.12 23.85 10.27
C ILE C 24 -14.83 23.89 11.63
N LEU C 25 -14.60 22.89 12.48
CA LEU C 25 -15.24 22.89 13.79
C LEU C 25 -14.78 24.11 14.60
N LYS C 26 -13.53 24.52 14.37
CA LYS C 26 -12.95 25.66 15.07
C LYS C 26 -13.54 27.02 14.66
N THR C 27 -14.11 27.11 13.46
CA THR C 27 -14.67 28.38 12.98
C THR C 27 -16.19 28.46 13.15
N LEU C 28 -16.86 27.33 12.95
CA LEU C 28 -18.31 27.29 13.12
C LEU C 28 -18.56 27.22 14.63
N THR C 29 -19.49 28.04 15.11
CA THR C 29 -19.76 28.07 16.54
C THR C 29 -21.10 27.49 16.94
N LEU C 30 -22.07 27.50 16.04
CA LEU C 30 -23.39 26.94 16.33
C LEU C 30 -23.42 25.60 15.63
N LYS C 31 -23.32 24.51 16.38
CA LYS C 31 -23.25 23.20 15.73
C LYS C 31 -24.18 22.06 16.15
N SER C 32 -25.33 22.36 16.75
CA SER C 32 -26.24 21.30 17.15
C SER C 32 -27.67 21.79 17.32
N ALA C 33 -28.62 20.86 17.26
CA ALA C 33 -30.03 21.18 17.40
C ALA C 33 -30.66 20.29 18.47
N GLY C 34 -29.98 20.18 19.61
CA GLY C 34 -30.49 19.37 20.70
C GLY C 34 -30.33 17.88 20.47
N GLY C 35 -29.19 17.49 19.95
CA GLY C 35 -28.94 16.08 19.70
C GLY C 35 -27.51 15.95 19.21
N ILE C 36 -27.21 14.87 18.49
CA ILE C 36 -25.87 14.68 17.96
C ILE C 36 -25.63 15.77 16.92
N GLY C 37 -24.57 16.56 17.11
CA GLY C 37 -24.27 17.64 16.20
C GLY C 37 -22.94 17.55 15.49
N LEU C 38 -22.63 18.60 14.75
CA LEU C 38 -21.39 18.68 13.96
C LEU C 38 -20.14 18.24 14.71
N ASP C 39 -20.01 18.68 15.96
N ASP C 39 -20.02 18.68 15.95
CA ASP C 39 -18.85 18.34 16.77
CA ASP C 39 -18.87 18.35 16.78
C ASP C 39 -18.62 16.85 16.89
C ASP C 39 -18.63 16.86 16.90
N ALA C 40 -19.71 16.08 16.93
CA ALA C 40 -19.61 14.63 17.04
C ALA C 40 -19.03 13.99 15.78
N LEU C 41 -19.23 14.62 14.63
CA LEU C 41 -18.72 14.10 13.36
C LEU C 41 -19.21 12.67 13.15
N ASP C 42 -20.47 12.43 13.48
CA ASP C 42 -21.05 11.12 13.30
C ASP C 42 -21.54 11.07 11.86
N ASP C 43 -22.05 9.91 11.45
CA ASP C 43 -22.55 9.71 10.09
C ASP C 43 -23.72 10.62 9.76
N GLY C 44 -24.27 11.24 10.79
CA GLY C 44 -25.39 12.14 10.61
C GLY C 44 -25.68 12.82 11.93
N ALA C 45 -26.61 13.76 11.92
CA ALA C 45 -26.99 14.48 13.12
C ALA C 45 -28.36 14.00 13.56
N THR C 46 -28.70 14.22 14.83
CA THR C 46 -29.99 13.83 15.33
C THR C 46 -30.72 15.04 15.86
N ILE C 47 -32.04 15.03 15.72
CA ILE C 47 -32.87 16.13 16.19
C ILE C 47 -34.11 15.59 16.87
N PRO C 48 -34.15 15.70 18.21
CA PRO C 48 -35.29 15.22 19.01
C PRO C 48 -36.58 15.83 18.52
N PHE C 49 -37.59 14.99 18.36
CA PHE C 49 -38.87 15.44 17.88
C PHE C 49 -39.98 14.68 18.62
N GLY C 50 -40.05 14.91 19.93
CA GLY C 50 -41.05 14.24 20.74
C GLY C 50 -40.64 12.81 21.00
N ASP C 51 -41.51 11.88 20.64
CA ASP C 51 -41.28 10.45 20.87
C ASP C 51 -40.12 9.88 20.03
N LYS C 52 -39.72 10.60 18.98
CA LYS C 52 -38.63 10.13 18.12
C LYS C 52 -37.65 11.22 17.70
N HIS C 53 -36.62 10.82 16.96
CA HIS C 53 -35.59 11.76 16.49
C HIS C 53 -35.51 11.80 14.97
N ILE C 54 -35.06 12.93 14.44
CA ILE C 54 -34.89 13.07 13.00
C ILE C 54 -33.39 12.96 12.78
N VAL C 55 -32.98 12.14 11.81
CA VAL C 55 -31.56 12.03 11.51
C VAL C 55 -31.37 12.84 10.24
N PHE C 56 -30.29 13.61 10.21
CA PHE C 56 -29.98 14.51 9.11
C PHE C 56 -28.57 14.25 8.61
N THR C 57 -28.44 13.94 7.33
CA THR C 57 -27.12 13.68 6.79
C THR C 57 -26.97 14.26 5.39
N ILE C 58 -25.73 14.57 5.01
CA ILE C 58 -25.46 15.08 3.68
C ILE C 58 -24.12 14.56 3.20
N ASP C 59 -24.02 14.30 1.91
CA ASP C 59 -22.79 13.77 1.33
C ASP C 59 -22.57 14.21 -0.10
N GLY C 60 -21.37 14.69 -0.39
CA GLY C 60 -21.06 15.07 -1.76
C GLY C 60 -20.43 13.86 -2.39
N HIS C 61 -20.49 13.78 -3.72
CA HIS C 61 -19.89 12.65 -4.45
C HIS C 61 -19.17 13.21 -5.67
N THR C 62 -17.92 12.78 -5.84
CA THR C 62 -17.11 13.26 -6.94
C THR C 62 -16.31 12.12 -7.59
N VAL C 63 -16.84 10.91 -7.48
CA VAL C 63 -16.17 9.76 -8.05
C VAL C 63 -15.91 9.88 -9.55
N LYS C 64 -14.72 9.42 -9.97
CA LYS C 64 -14.32 9.44 -11.37
C LYS C 64 -13.71 8.07 -11.69
N PRO C 65 -14.11 7.46 -12.80
CA PRO C 65 -15.10 7.97 -13.74
C PRO C 65 -16.51 7.84 -13.15
N LEU C 66 -17.46 8.54 -13.75
CA LEU C 66 -18.84 8.52 -13.29
C LEU C 66 -19.41 7.10 -13.30
N PHE C 67 -18.87 6.26 -14.17
CA PHE C 67 -19.32 4.88 -14.27
C PHE C 67 -18.14 3.96 -14.04
N PHE C 68 -18.41 2.87 -13.33
CA PHE C 68 -17.39 1.90 -12.97
C PHE C 68 -18.04 0.55 -12.69
N PRO C 69 -17.25 -0.53 -12.73
CA PRO C 69 -17.78 -1.88 -12.49
C PRO C 69 -18.60 -2.01 -11.20
N GLY C 70 -19.88 -2.36 -11.35
CA GLY C 70 -20.74 -2.52 -10.20
C GLY C 70 -21.62 -1.34 -9.86
N GLY C 71 -21.29 -0.16 -10.38
CA GLY C 71 -22.10 1.00 -10.08
C GLY C 71 -21.73 2.27 -10.80
N ASP C 72 -22.20 3.39 -10.25
CA ASP C 72 -21.96 4.71 -10.80
C ASP C 72 -22.24 5.79 -9.75
N ILE C 73 -21.91 7.04 -10.07
CA ILE C 73 -22.08 8.16 -9.17
C ILE C 73 -23.53 8.32 -8.68
N GLY C 74 -24.47 7.86 -9.50
CA GLY C 74 -25.87 7.93 -9.13
C GLY C 74 -26.26 6.92 -8.08
N ARG C 75 -25.85 5.68 -8.27
CA ARG C 75 -26.20 4.65 -7.30
C ARG C 75 -25.47 4.91 -5.98
N LEU C 76 -24.32 5.54 -6.12
CA LEU C 76 -23.46 5.89 -4.99
C LEU C 76 -24.09 7.00 -4.14
N ALA C 77 -24.69 7.98 -4.80
CA ALA C 77 -25.32 9.09 -4.10
C ALA C 77 -26.45 8.59 -3.21
N VAL C 78 -27.34 7.79 -3.78
CA VAL C 78 -28.46 7.25 -3.02
C VAL C 78 -27.97 6.28 -1.96
N SER C 79 -27.06 5.39 -2.35
CA SER C 79 -26.53 4.40 -1.42
C SER C 79 -25.82 5.04 -0.21
N GLY C 80 -24.98 6.03 -0.50
CA GLY C 80 -24.23 6.69 0.56
C GLY C 80 -25.09 7.38 1.58
N THR C 81 -26.08 8.15 1.12
CA THR C 81 -26.94 8.86 2.03
C THR C 81 -27.82 7.92 2.83
N VAL C 82 -28.40 6.92 2.18
CA VAL C 82 -29.26 5.98 2.88
C VAL C 82 -28.45 5.22 3.94
N ASN C 83 -27.20 4.90 3.63
CA ASN C 83 -26.39 4.18 4.59
C ASN C 83 -26.09 5.02 5.82
N ASP C 84 -25.68 6.27 5.62
CA ASP C 84 -25.38 7.16 6.74
C ASP C 84 -26.61 7.34 7.64
N LEU C 85 -27.80 7.32 7.07
CA LEU C 85 -29.01 7.44 7.88
C LEU C 85 -29.16 6.12 8.64
N ALA C 86 -28.95 5.03 7.90
CA ALA C 86 -29.06 3.68 8.45
C ALA C 86 -28.12 3.35 9.61
N VAL C 87 -26.86 3.79 9.54
CA VAL C 87 -25.94 3.50 10.62
C VAL C 87 -26.21 4.38 11.84
N MET C 88 -27.13 5.34 11.71
CA MET C 88 -27.49 6.21 12.82
C MET C 88 -28.71 5.56 13.50
N GLY C 89 -29.26 4.55 12.84
CA GLY C 89 -30.40 3.81 13.36
C GLY C 89 -31.71 4.38 12.83
N ALA C 90 -31.63 5.14 11.74
CA ALA C 90 -32.82 5.74 11.20
C ALA C 90 -33.28 5.13 9.90
N GLU C 91 -34.58 5.15 9.70
CA GLU C 91 -35.19 4.62 8.49
C GLU C 91 -35.31 5.74 7.45
N PRO C 92 -34.72 5.56 6.27
CA PRO C 92 -34.80 6.59 5.24
C PRO C 92 -36.22 7.09 5.03
N ILE C 93 -36.38 8.41 5.01
CA ILE C 93 -37.69 9.02 4.80
C ILE C 93 -37.72 9.75 3.45
N ALA C 94 -36.70 10.56 3.19
CA ALA C 94 -36.64 11.33 1.95
C ALA C 94 -35.23 11.77 1.58
N LEU C 95 -35.01 11.94 0.28
CA LEU C 95 -33.72 12.36 -0.22
C LEU C 95 -33.82 13.73 -0.89
N ALA C 96 -32.75 14.52 -0.81
CA ALA C 96 -32.68 15.83 -1.46
C ALA C 96 -31.49 15.73 -2.40
N ASN C 97 -31.69 15.99 -3.68
CA ASN C 97 -30.59 15.84 -4.64
C ASN C 97 -30.08 17.06 -5.39
N SER C 98 -28.85 17.44 -5.10
CA SER C 98 -28.20 18.57 -5.75
C SER C 98 -27.22 18.05 -6.83
N MET C 99 -27.22 18.68 -8.00
CA MET C 99 -26.30 18.28 -9.06
C MET C 99 -25.55 19.47 -9.64
N ILE C 100 -24.25 19.32 -9.82
CA ILE C 100 -23.46 20.38 -10.40
C ILE C 100 -22.81 19.75 -11.65
N ILE C 101 -23.41 20.08 -12.79
CA ILE C 101 -23.01 19.55 -14.09
C ILE C 101 -22.07 20.44 -14.87
N GLY C 102 -21.08 19.81 -15.49
CA GLY C 102 -20.11 20.56 -16.27
C GLY C 102 -20.64 20.81 -17.67
N GLU C 103 -20.48 22.04 -18.12
CA GLU C 103 -20.92 22.43 -19.46
C GLU C 103 -20.38 21.43 -20.46
N GLY C 104 -21.27 20.86 -21.25
CA GLY C 104 -20.84 19.91 -22.26
C GLY C 104 -21.19 18.46 -22.00
N LEU C 105 -21.53 18.11 -20.76
CA LEU C 105 -21.85 16.72 -20.48
C LEU C 105 -22.88 16.21 -21.47
N ASP C 106 -22.70 14.99 -21.93
CA ASP C 106 -23.65 14.41 -22.87
C ASP C 106 -24.93 14.13 -22.11
N MET C 107 -26.04 14.62 -22.66
CA MET C 107 -27.34 14.45 -22.06
C MET C 107 -27.60 12.99 -21.68
N GLU C 108 -27.04 12.07 -22.45
CA GLU C 108 -27.24 10.64 -22.19
C GLU C 108 -26.65 10.19 -20.86
N VAL C 109 -25.52 10.78 -20.48
CA VAL C 109 -24.85 10.46 -19.23
C VAL C 109 -25.76 10.87 -18.08
N LEU C 110 -26.26 12.09 -18.13
CA LEU C 110 -27.16 12.60 -17.08
C LEU C 110 -28.36 11.68 -16.92
N LYS C 111 -28.89 11.21 -18.05
CA LYS C 111 -30.05 10.33 -18.05
C LYS C 111 -29.72 9.00 -17.42
N ARG C 112 -28.55 8.48 -17.76
CA ARG C 112 -28.10 7.20 -17.24
C ARG C 112 -27.86 7.28 -15.73
N VAL C 113 -27.34 8.43 -15.27
CA VAL C 113 -27.10 8.61 -13.84
C VAL C 113 -28.45 8.69 -13.12
N LEU C 114 -29.36 9.49 -13.66
CA LEU C 114 -30.68 9.63 -13.06
C LEU C 114 -31.40 8.29 -13.01
N LYS C 115 -31.20 7.47 -14.04
CA LYS C 115 -31.82 6.14 -14.10
C LYS C 115 -31.35 5.27 -12.94
N SER C 116 -30.05 5.23 -12.74
CA SER C 116 -29.45 4.46 -11.66
C SER C 116 -29.92 4.98 -10.30
N MET C 117 -29.93 6.30 -10.12
CA MET C 117 -30.41 6.89 -8.87
C MET C 117 -31.81 6.40 -8.60
N ASP C 118 -32.65 6.46 -9.63
CA ASP C 118 -34.03 6.01 -9.51
C ASP C 118 -34.14 4.54 -9.12
N GLU C 119 -33.43 3.68 -9.85
CA GLU C 119 -33.48 2.25 -9.58
C GLU C 119 -33.00 1.97 -8.17
N THR C 120 -31.95 2.67 -7.77
CA THR C 120 -31.37 2.50 -6.44
C THR C 120 -32.34 3.00 -5.36
N ALA C 121 -32.94 4.16 -5.58
CA ALA C 121 -33.88 4.75 -4.63
C ALA C 121 -35.09 3.85 -4.40
N ARG C 122 -35.55 3.20 -5.47
CA ARG C 122 -36.71 2.33 -5.39
C ARG C 122 -36.45 1.05 -4.57
N GLU C 123 -35.17 0.69 -4.45
CA GLU C 123 -34.79 -0.50 -3.69
C GLU C 123 -34.96 -0.34 -2.18
N VAL C 124 -34.82 0.88 -1.67
CA VAL C 124 -34.88 1.11 -0.23
C VAL C 124 -36.18 0.73 0.47
N PRO C 125 -37.31 1.35 0.10
CA PRO C 125 -37.44 2.39 -0.92
C PRO C 125 -37.39 3.77 -0.26
N VAL C 126 -37.02 4.77 -1.05
CA VAL C 126 -36.95 6.12 -0.54
C VAL C 126 -37.09 7.07 -1.72
N PRO C 127 -37.93 8.10 -1.55
CA PRO C 127 -38.16 9.09 -2.61
C PRO C 127 -37.20 10.27 -2.55
N ILE C 128 -37.00 10.91 -3.70
CA ILE C 128 -36.16 12.10 -3.83
C ILE C 128 -37.20 13.20 -3.96
N VAL C 129 -37.48 13.88 -2.85
CA VAL C 129 -38.50 14.92 -2.79
C VAL C 129 -38.14 16.34 -3.17
N THR C 130 -36.86 16.65 -3.29
CA THR C 130 -36.47 18.00 -3.66
C THR C 130 -35.07 17.94 -4.21
N GLY C 131 -34.69 18.97 -4.97
CA GLY C 131 -33.35 19.00 -5.52
C GLY C 131 -32.90 20.34 -6.03
N ASP C 132 -31.75 20.35 -6.68
CA ASP C 132 -31.18 21.56 -7.26
C ASP C 132 -30.27 21.16 -8.41
N THR C 133 -30.22 22.01 -9.44
CA THR C 133 -29.39 21.76 -10.60
C THR C 133 -28.57 22.99 -10.98
N LYS C 134 -27.26 22.82 -11.08
CA LYS C 134 -26.37 23.92 -11.45
C LYS C 134 -25.47 23.42 -12.57
N VAL C 135 -25.10 24.32 -13.49
CA VAL C 135 -24.24 23.95 -14.59
C VAL C 135 -23.08 24.91 -14.61
N VAL C 136 -21.86 24.36 -14.68
CA VAL C 136 -20.66 25.19 -14.67
C VAL C 136 -19.78 24.93 -15.89
N GLU C 137 -19.00 25.93 -16.27
CA GLU C 137 -18.10 25.84 -17.40
C GLU C 137 -16.91 24.98 -17.06
N ASP C 138 -16.61 24.87 -15.77
CA ASP C 138 -15.51 24.05 -15.29
C ASP C 138 -15.67 22.68 -15.90
N LYS C 139 -14.55 22.05 -16.27
CA LYS C 139 -14.60 20.72 -16.87
C LYS C 139 -14.60 19.69 -15.75
N ILE C 140 -15.77 19.50 -15.15
CA ILE C 140 -15.92 18.57 -14.02
C ILE C 140 -16.85 17.39 -14.29
N GLU C 141 -17.50 17.40 -15.44
CA GLU C 141 -18.45 16.35 -15.79
C GLU C 141 -19.67 16.46 -14.89
N MET C 142 -19.56 15.94 -13.67
CA MET C 142 -20.67 15.97 -12.74
C MET C 142 -20.31 15.74 -11.26
N PHE C 143 -21.04 16.41 -10.38
CA PHE C 143 -20.91 16.24 -8.93
C PHE C 143 -22.32 16.00 -8.38
N VAL C 144 -22.46 15.01 -7.51
CA VAL C 144 -23.77 14.74 -6.93
C VAL C 144 -23.75 14.91 -5.42
N ILE C 145 -24.54 15.85 -4.91
CA ILE C 145 -24.61 16.04 -3.46
C ILE C 145 -26.01 15.68 -2.99
N THR C 146 -26.08 14.70 -2.10
CA THR C 146 -27.35 14.21 -1.58
C THR C 146 -27.48 14.38 -0.06
N ALA C 147 -28.58 14.98 0.37
CA ALA C 147 -28.85 15.13 1.79
C ALA C 147 -30.04 14.19 2.01
N GLY C 148 -30.19 13.71 3.24
CA GLY C 148 -31.29 12.81 3.53
C GLY C 148 -31.81 12.95 4.94
N ILE C 149 -33.11 12.77 5.11
CA ILE C 149 -33.69 12.84 6.44
C ILE C 149 -34.29 11.48 6.78
N GLY C 150 -34.14 11.08 8.04
CA GLY C 150 -34.66 9.80 8.47
C GLY C 150 -35.18 9.86 9.90
N ILE C 151 -36.04 8.90 10.24
CA ILE C 151 -36.62 8.84 11.57
C ILE C 151 -36.05 7.66 12.32
N ALA C 152 -35.47 7.94 13.47
CA ALA C 152 -34.87 6.90 14.30
C ALA C 152 -35.58 6.82 15.63
N GLU C 153 -36.15 5.66 15.93
CA GLU C 153 -36.82 5.47 17.20
C GLU C 153 -35.74 5.53 18.27
N HIS C 154 -34.67 4.78 18.07
CA HIS C 154 -33.54 4.87 18.98
C HIS C 154 -32.27 5.12 18.19
N PRO C 155 -31.66 6.27 18.41
CA PRO C 155 -30.44 6.66 17.71
C PRO C 155 -29.18 5.94 18.17
N VAL C 156 -28.29 5.68 17.22
CA VAL C 156 -27.04 5.00 17.49
C VAL C 156 -25.89 5.92 17.10
N SER C 157 -24.87 5.98 17.93
CA SER C 157 -23.71 6.83 17.63
C SER C 157 -22.39 6.06 17.70
N ASP C 158 -21.31 6.68 17.22
CA ASP C 158 -19.99 6.07 17.23
C ASP C 158 -19.41 5.98 18.65
N ALA C 159 -20.12 6.54 19.63
CA ALA C 159 -19.61 6.55 20.98
C ALA C 159 -20.26 5.54 21.93
N GLY C 160 -21.16 4.71 21.41
CA GLY C 160 -21.84 3.74 22.26
C GLY C 160 -21.17 2.39 22.46
N ALA C 161 -20.02 2.17 21.85
CA ALA C 161 -19.33 0.89 22.00
C ALA C 161 -18.90 0.65 23.45
N LYS C 162 -19.23 -0.53 23.97
CA LYS C 162 -18.91 -0.91 25.34
C LYS C 162 -17.89 -2.05 25.37
N VAL C 163 -17.10 -2.12 26.44
CA VAL C 163 -16.11 -3.18 26.59
C VAL C 163 -16.79 -4.54 26.61
N GLY C 164 -16.25 -5.48 25.83
CA GLY C 164 -16.83 -6.81 25.75
C GLY C 164 -17.75 -6.98 24.55
N ASP C 165 -18.20 -5.88 23.95
CA ASP C 165 -19.07 -5.96 22.79
C ASP C 165 -18.33 -6.63 21.63
N ALA C 166 -19.08 -7.15 20.67
CA ALA C 166 -18.49 -7.79 19.49
C ALA C 166 -18.56 -6.85 18.28
N VAL C 167 -17.54 -6.91 17.43
CA VAL C 167 -17.49 -6.05 16.25
C VAL C 167 -17.77 -6.85 14.98
N LEU C 168 -18.74 -6.39 14.18
CA LEU C 168 -19.11 -7.06 12.94
C LEU C 168 -19.06 -6.15 11.71
N VAL C 169 -18.94 -6.79 10.55
CA VAL C 169 -18.95 -6.12 9.25
C VAL C 169 -20.00 -6.92 8.47
N SER C 170 -20.78 -6.26 7.64
CA SER C 170 -21.83 -6.93 6.88
C SER C 170 -21.35 -7.72 5.67
N GLY C 171 -20.09 -7.55 5.29
CA GLY C 171 -19.58 -8.26 4.14
C GLY C 171 -18.10 -8.12 3.92
N THR C 172 -17.66 -8.38 2.69
CA THR C 172 -16.24 -8.30 2.37
C THR C 172 -15.71 -6.88 2.40
N ILE C 173 -14.44 -6.74 2.74
CA ILE C 173 -13.82 -5.44 2.85
C ILE C 173 -12.83 -5.16 1.72
N GLY C 174 -12.86 -3.92 1.27
CA GLY C 174 -12.03 -3.39 0.21
C GLY C 174 -12.57 -3.44 -1.20
N ASP C 175 -13.78 -3.93 -1.40
CA ASP C 175 -14.27 -4.09 -2.76
C ASP C 175 -14.40 -2.81 -3.60
N HIS C 176 -15.03 -1.77 -3.08
CA HIS C 176 -15.24 -0.58 -3.89
C HIS C 176 -13.98 0.16 -4.27
N GLY C 177 -13.13 0.40 -3.30
CA GLY C 177 -11.86 1.07 -3.53
C GLY C 177 -10.87 0.31 -4.40
N ILE C 178 -10.80 -1.01 -4.26
CA ILE C 178 -9.87 -1.80 -5.07
C ILE C 178 -10.40 -2.00 -6.48
N ALA C 179 -11.70 -2.21 -6.62
CA ALA C 179 -12.30 -2.40 -7.94
C ALA C 179 -12.06 -1.14 -8.78
N LEU C 180 -12.32 0.00 -8.17
CA LEU C 180 -12.15 1.27 -8.85
C LEU C 180 -10.68 1.54 -9.19
N MET C 181 -9.76 1.15 -8.32
CA MET C 181 -8.33 1.37 -8.58
C MET C 181 -7.86 0.44 -9.69
N SER C 182 -8.30 -0.80 -9.62
CA SER C 182 -7.93 -1.79 -10.61
C SER C 182 -8.46 -1.36 -11.97
N HIS C 183 -9.67 -0.82 -12.00
CA HIS C 183 -10.30 -0.36 -13.23
C HIS C 183 -9.47 0.75 -13.86
N ARG C 184 -8.82 1.55 -13.03
CA ARG C 184 -8.00 2.66 -13.49
C ARG C 184 -6.73 2.17 -14.17
N GLU C 185 -5.98 1.32 -13.47
CA GLU C 185 -4.72 0.76 -13.96
C GLU C 185 -4.91 -0.37 -14.96
N GLY C 186 -6.08 -0.41 -15.58
CA GLY C 186 -6.38 -1.44 -16.56
C GLY C 186 -6.21 -2.88 -16.10
N ILE C 187 -5.92 -3.08 -14.82
CA ILE C 187 -5.74 -4.43 -14.29
C ILE C 187 -6.98 -5.29 -14.56
N ALA C 188 -6.85 -6.18 -15.53
CA ALA C 188 -7.94 -7.08 -15.92
C ALA C 188 -8.09 -8.28 -15.00
N PHE C 189 -9.31 -8.79 -14.89
CA PHE C 189 -9.59 -9.94 -14.02
C PHE C 189 -10.14 -11.15 -14.78
N GLU C 190 -10.12 -12.31 -14.12
CA GLU C 190 -10.67 -13.53 -14.70
C GLU C 190 -12.16 -13.22 -14.86
N THR C 191 -12.67 -12.43 -13.90
CA THR C 191 -14.04 -11.95 -13.85
C THR C 191 -13.86 -10.60 -13.12
N GLU C 192 -14.29 -9.52 -13.75
CA GLU C 192 -14.13 -8.18 -13.16
C GLU C 192 -14.51 -8.05 -11.69
N LEU C 193 -13.66 -7.35 -10.95
CA LEU C 193 -13.89 -7.09 -9.54
C LEU C 193 -14.89 -5.94 -9.59
N LYS C 194 -16.03 -6.11 -8.94
CA LYS C 194 -17.08 -5.10 -8.94
C LYS C 194 -17.11 -4.27 -7.65
N SER C 195 -17.70 -3.09 -7.75
CA SER C 195 -17.87 -2.23 -6.60
C SER C 195 -19.01 -2.90 -5.86
N ASP C 196 -19.19 -2.56 -4.59
CA ASP C 196 -20.24 -3.14 -3.77
C ASP C 196 -21.30 -2.10 -3.43
N VAL C 197 -21.16 -0.90 -4.00
CA VAL C 197 -22.09 0.19 -3.72
C VAL C 197 -23.55 -0.25 -3.72
N ALA C 198 -24.21 0.01 -2.60
CA ALA C 198 -25.62 -0.36 -2.44
C ALA C 198 -26.18 0.07 -1.10
N PRO C 199 -27.47 0.35 -1.05
CA PRO C 199 -28.06 0.76 0.23
C PRO C 199 -28.15 -0.47 1.13
N ILE C 200 -27.80 -0.32 2.40
CA ILE C 200 -27.85 -1.45 3.31
C ILE C 200 -28.72 -1.23 4.56
N TRP C 201 -29.81 -0.49 4.39
CA TRP C 201 -30.74 -0.24 5.49
C TRP C 201 -31.40 -1.57 5.89
N ASP C 202 -31.71 -2.38 4.88
CA ASP C 202 -32.34 -3.68 5.10
C ASP C 202 -31.46 -4.55 6.00
N VAL C 203 -30.15 -4.41 5.86
CA VAL C 203 -29.24 -5.18 6.68
C VAL C 203 -29.32 -4.72 8.13
N VAL C 204 -29.20 -3.42 8.34
CA VAL C 204 -29.27 -2.89 9.69
C VAL C 204 -30.64 -3.22 10.30
N LYS C 205 -31.69 -2.92 9.54
CA LYS C 205 -33.06 -3.17 9.98
C LYS C 205 -33.23 -4.62 10.43
N ALA C 206 -32.71 -5.54 9.63
CA ALA C 206 -32.82 -6.97 9.92
C ALA C 206 -32.24 -7.31 11.29
N VAL C 207 -31.03 -6.85 11.55
CA VAL C 207 -30.38 -7.11 12.82
C VAL C 207 -31.20 -6.49 13.96
N ALA C 208 -31.67 -5.27 13.73
CA ALA C 208 -32.46 -4.61 14.75
C ALA C 208 -33.76 -5.39 14.94
N GLU C 209 -34.43 -5.73 13.85
CA GLU C 209 -35.68 -6.49 13.93
C GLU C 209 -35.43 -7.89 14.48
N THR C 210 -34.21 -8.17 14.91
CA THR C 210 -33.88 -9.49 15.46
C THR C 210 -33.38 -9.41 16.89
N ILE C 211 -32.48 -8.48 17.17
CA ILE C 211 -31.93 -8.35 18.50
C ILE C 211 -32.31 -7.04 19.22
N GLY C 212 -33.14 -6.23 18.58
CA GLY C 212 -33.55 -4.97 19.18
C GLY C 212 -32.52 -3.86 19.16
N TRP C 213 -32.96 -2.64 18.87
CA TRP C 213 -32.09 -1.46 18.80
C TRP C 213 -31.17 -1.23 19.99
N GLU C 214 -31.66 -1.51 21.19
CA GLU C 214 -30.86 -1.31 22.40
C GLU C 214 -29.55 -2.11 22.37
N ASN C 215 -29.54 -3.21 21.64
CA ASN C 215 -28.36 -4.06 21.56
C ASN C 215 -27.37 -3.75 20.44
N ILE C 216 -27.65 -2.69 19.70
CA ILE C 216 -26.79 -2.23 18.63
C ILE C 216 -26.15 -0.98 19.24
N HIS C 217 -25.00 -1.15 19.86
CA HIS C 217 -24.32 -0.06 20.53
C HIS C 217 -23.54 0.95 19.68
N ALA C 218 -23.24 0.60 18.42
CA ALA C 218 -22.51 1.49 17.53
C ALA C 218 -22.54 0.99 16.09
N MET C 219 -22.42 1.93 15.15
CA MET C 219 -22.43 1.61 13.72
C MET C 219 -21.78 2.70 12.88
N LYS C 220 -21.26 2.30 11.74
CA LYS C 220 -20.63 3.24 10.82
C LYS C 220 -20.33 2.55 9.49
N ASP C 221 -20.65 3.20 8.39
CA ASP C 221 -20.34 2.63 7.10
C ASP C 221 -18.93 3.06 6.80
N PRO C 222 -18.08 2.10 6.50
CA PRO C 222 -16.66 2.38 6.30
C PRO C 222 -16.40 2.84 4.89
N THR C 223 -16.61 4.12 4.66
CA THR C 223 -16.45 4.69 3.34
C THR C 223 -15.03 5.23 3.22
N ARG C 224 -14.85 6.53 3.10
CA ARG C 224 -13.50 7.03 2.86
C ARG C 224 -12.58 6.62 3.97
N ALA C 225 -11.42 6.11 3.59
CA ALA C 225 -10.41 5.71 4.55
C ALA C 225 -10.63 4.29 5.09
N GLY C 226 -11.67 3.64 4.62
CA GLY C 226 -11.89 2.23 4.88
C GLY C 226 -12.33 1.76 6.25
N LEU C 227 -12.19 0.46 6.47
CA LEU C 227 -12.50 -0.16 7.74
C LEU C 227 -11.61 0.32 8.88
N SER C 228 -10.31 0.41 8.63
CA SER C 228 -9.39 0.92 9.63
C SER C 228 -9.88 2.28 10.15
N ASN C 229 -10.21 3.19 9.23
CA ASN C 229 -10.69 4.50 9.66
C ASN C 229 -11.99 4.45 10.44
N ALA C 230 -12.97 3.69 9.95
CA ALA C 230 -14.26 3.57 10.63
C ALA C 230 -14.07 3.03 12.04
N LEU C 231 -13.18 2.05 12.18
CA LEU C 231 -12.89 1.44 13.48
C LEU C 231 -12.15 2.41 14.38
N ASN C 232 -11.10 3.02 13.85
CA ASN C 232 -10.30 3.96 14.64
C ASN C 232 -11.19 5.10 15.10
N GLU C 233 -12.26 5.36 14.36
CA GLU C 233 -13.16 6.44 14.72
C GLU C 233 -14.06 6.01 15.86
N ILE C 234 -14.49 4.76 15.85
CA ILE C 234 -15.36 4.27 16.92
C ILE C 234 -14.56 4.13 18.21
N ALA C 235 -13.34 3.61 18.11
CA ALA C 235 -12.51 3.42 19.28
C ALA C 235 -12.33 4.75 20.01
N ARG C 236 -11.90 5.77 19.28
CA ARG C 236 -11.67 7.10 19.86
C ARG C 236 -12.86 7.71 20.57
N LYS C 237 -13.98 7.79 19.86
CA LYS C 237 -15.19 8.41 20.41
C LYS C 237 -15.84 7.63 21.54
N SER C 238 -15.76 6.31 21.49
CA SER C 238 -16.34 5.48 22.54
C SER C 238 -15.28 5.34 23.63
N ASN C 239 -14.09 5.88 23.33
CA ASN C 239 -12.94 5.83 24.23
C ASN C 239 -12.60 4.40 24.67
N VAL C 240 -12.94 3.43 23.83
CA VAL C 240 -12.66 2.03 24.11
C VAL C 240 -11.59 1.53 23.14
N GLY C 241 -11.05 0.35 23.42
CA GLY C 241 -10.04 -0.22 22.55
C GLY C 241 -10.74 -1.24 21.68
N ILE C 242 -10.16 -1.57 20.53
CA ILE C 242 -10.80 -2.54 19.65
C ILE C 242 -9.83 -3.58 19.13
N LEU C 243 -10.10 -4.84 19.44
CA LEU C 243 -9.27 -5.94 18.97
C LEU C 243 -9.91 -6.57 17.74
N VAL C 244 -9.13 -6.64 16.66
CA VAL C 244 -9.62 -7.21 15.43
C VAL C 244 -8.68 -8.35 15.00
N ARG C 245 -9.26 -9.47 14.60
CA ARG C 245 -8.48 -10.62 14.18
C ARG C 245 -8.49 -10.68 12.67
N GLU C 246 -7.34 -10.33 12.10
CA GLU C 246 -7.14 -10.30 10.66
C GLU C 246 -7.70 -11.50 9.92
N ALA C 247 -7.59 -12.67 10.55
CA ALA C 247 -8.07 -13.91 9.94
C ALA C 247 -9.58 -13.99 9.79
N ASP C 248 -10.31 -13.15 10.52
CA ASP C 248 -11.77 -13.14 10.44
C ASP C 248 -12.34 -12.02 9.56
N ILE C 249 -11.48 -11.12 9.11
CA ILE C 249 -11.95 -10.03 8.25
C ILE C 249 -12.18 -10.62 6.85
N PRO C 250 -13.42 -10.57 6.36
CA PRO C 250 -13.77 -11.09 5.04
C PRO C 250 -13.13 -10.30 3.90
N ILE C 251 -12.38 -10.98 3.05
CA ILE C 251 -11.73 -10.33 1.92
C ILE C 251 -11.72 -11.24 0.69
N ARG C 252 -12.33 -10.77 -0.40
CA ARG C 252 -12.36 -11.55 -1.63
C ARG C 252 -10.95 -11.80 -2.15
N PRO C 253 -10.72 -12.99 -2.76
CA PRO C 253 -9.41 -13.35 -3.31
C PRO C 253 -8.92 -12.31 -4.30
N GLU C 254 -9.83 -11.84 -5.15
CA GLU C 254 -9.51 -10.84 -6.17
C GLU C 254 -9.04 -9.56 -5.52
N VAL C 255 -9.66 -9.20 -4.41
CA VAL C 255 -9.31 -7.97 -3.70
C VAL C 255 -7.94 -8.09 -3.04
N ARG C 256 -7.68 -9.24 -2.41
CA ARG C 256 -6.37 -9.44 -1.79
C ARG C 256 -5.28 -9.30 -2.85
N ALA C 257 -5.50 -9.98 -3.97
CA ALA C 257 -4.55 -9.97 -5.07
C ALA C 257 -4.27 -8.58 -5.64
N ALA C 258 -5.33 -7.86 -5.99
CA ALA C 258 -5.19 -6.53 -6.56
C ALA C 258 -4.58 -5.55 -5.57
N SER C 259 -4.94 -5.68 -4.30
CA SER C 259 -4.39 -4.77 -3.28
C SER C 259 -2.89 -4.95 -3.16
N GLU C 260 -2.42 -6.20 -3.22
CA GLU C 260 -0.98 -6.44 -3.14
C GLU C 260 -0.27 -5.81 -4.32
N MET C 261 -0.77 -6.06 -5.52
CA MET C 261 -0.17 -5.50 -6.72
C MET C 261 -0.23 -3.98 -6.66
N LEU C 262 -1.33 -3.46 -6.10
CA LEU C 262 -1.50 -2.02 -5.99
C LEU C 262 -0.72 -1.47 -4.81
N GLY C 263 -0.18 -2.37 -3.99
CA GLY C 263 0.58 -1.93 -2.82
C GLY C 263 -0.22 -1.19 -1.78
N ILE C 264 -1.53 -1.37 -1.77
CA ILE C 264 -2.37 -0.71 -0.79
C ILE C 264 -3.14 -1.74 0.02
N SER C 265 -3.57 -1.36 1.21
CA SER C 265 -4.31 -2.26 2.09
C SER C 265 -5.80 -2.16 1.87
N PRO C 266 -6.47 -3.32 1.78
CA PRO C 266 -7.92 -3.27 1.58
C PRO C 266 -8.64 -2.69 2.81
N TYR C 267 -7.92 -2.51 3.90
CA TYR C 267 -8.52 -1.96 5.11
C TYR C 267 -8.60 -0.44 5.07
N ASP C 268 -7.79 0.18 4.23
CA ASP C 268 -7.74 1.65 4.16
C ASP C 268 -8.56 2.28 3.03
N VAL C 269 -9.22 1.45 2.22
CA VAL C 269 -10.01 1.97 1.09
C VAL C 269 -11.50 1.93 1.36
N ALA C 270 -12.22 2.83 0.72
CA ALA C 270 -13.66 2.96 0.91
C ALA C 270 -14.47 1.75 0.48
N ASN C 271 -15.52 1.48 1.25
CA ASN C 271 -16.49 0.46 0.96
C ASN C 271 -17.78 1.23 0.77
N GLU C 272 -18.57 0.86 -0.22
CA GLU C 272 -19.81 1.57 -0.46
C GLU C 272 -21.08 0.73 -0.27
N GLY C 273 -20.95 -0.44 0.35
CA GLY C 273 -22.11 -1.30 0.51
C GLY C 273 -21.96 -2.13 1.75
N LYS C 274 -21.28 -1.56 2.76
CA LYS C 274 -21.04 -2.28 4.00
C LYS C 274 -21.35 -1.49 5.27
N VAL C 275 -21.47 -2.20 6.39
CA VAL C 275 -21.73 -1.56 7.66
C VAL C 275 -20.97 -2.23 8.82
N VAL C 276 -20.34 -1.42 9.66
CA VAL C 276 -19.63 -1.97 10.81
C VAL C 276 -20.63 -1.86 11.94
N MET C 277 -20.78 -2.93 12.71
CA MET C 277 -21.74 -2.91 13.80
C MET C 277 -21.14 -3.48 15.06
N VAL C 278 -21.32 -2.74 16.16
CA VAL C 278 -20.83 -3.15 17.46
C VAL C 278 -22.08 -3.57 18.22
N VAL C 279 -22.14 -4.84 18.59
CA VAL C 279 -23.31 -5.39 19.27
C VAL C 279 -23.00 -5.95 20.65
N ALA C 280 -24.04 -6.09 21.47
CA ALA C 280 -23.91 -6.65 22.82
C ALA C 280 -23.34 -8.05 22.66
N ARG C 281 -22.31 -8.36 23.43
CA ARG C 281 -21.63 -9.64 23.35
C ARG C 281 -22.51 -10.87 23.27
N GLU C 282 -23.66 -10.84 23.93
CA GLU C 282 -24.55 -12.00 23.91
C GLU C 282 -25.55 -11.99 22.76
N TYR C 283 -25.34 -11.09 21.81
CA TYR C 283 -26.24 -11.00 20.63
C TYR C 283 -25.47 -11.06 19.31
N ALA C 284 -24.15 -11.16 19.40
CA ALA C 284 -23.30 -11.22 18.23
C ALA C 284 -23.75 -12.27 17.21
N GLU C 285 -23.91 -13.50 17.67
CA GLU C 285 -24.30 -14.62 16.81
C GLU C 285 -25.63 -14.41 16.11
N GLU C 286 -26.62 -13.87 16.83
CA GLU C 286 -27.94 -13.63 16.24
C GLU C 286 -27.89 -12.50 15.23
N ALA C 287 -27.07 -11.49 15.51
CA ALA C 287 -26.93 -10.37 14.60
C ALA C 287 -26.21 -10.89 13.34
N LEU C 288 -25.15 -11.65 13.55
CA LEU C 288 -24.41 -12.23 12.44
C LEU C 288 -25.34 -13.02 11.55
N GLU C 289 -26.05 -13.98 12.15
CA GLU C 289 -26.99 -14.80 11.39
C GLU C 289 -28.08 -13.94 10.77
N ALA C 290 -28.59 -12.97 11.51
CA ALA C 290 -29.63 -12.09 10.97
C ALA C 290 -29.09 -11.43 9.71
N MET C 291 -27.80 -11.09 9.74
CA MET C 291 -27.15 -10.47 8.59
C MET C 291 -26.96 -11.47 7.46
N ARG C 292 -26.45 -12.64 7.82
CA ARG C 292 -26.22 -13.70 6.83
C ARG C 292 -27.47 -14.04 6.04
N LYS C 293 -28.64 -13.74 6.59
CA LYS C 293 -29.90 -14.04 5.93
C LYS C 293 -30.36 -13.00 4.93
N THR C 294 -29.60 -11.91 4.80
CA THR C 294 -29.94 -10.86 3.86
C THR C 294 -29.07 -11.03 2.61
N GLU C 295 -29.55 -10.55 1.47
CA GLU C 295 -28.79 -10.71 0.23
C GLU C 295 -27.48 -9.94 0.27
N LYS C 296 -27.42 -8.88 1.07
CA LYS C 296 -26.21 -8.07 1.15
C LYS C 296 -25.33 -8.34 2.36
N GLY C 297 -25.75 -9.27 3.21
CA GLY C 297 -24.96 -9.60 4.39
C GLY C 297 -24.58 -11.06 4.43
N ARG C 298 -24.70 -11.76 3.30
CA ARG C 298 -24.37 -13.18 3.23
C ARG C 298 -22.97 -13.42 3.76
N ASN C 299 -22.07 -12.47 3.49
CA ASN C 299 -20.68 -12.60 3.93
C ASN C 299 -20.29 -11.91 5.21
N ALA C 300 -21.27 -11.51 6.01
CA ALA C 300 -21.00 -10.84 7.28
C ALA C 300 -20.09 -11.71 8.14
N ALA C 301 -19.44 -11.10 9.13
CA ALA C 301 -18.55 -11.84 10.01
C ALA C 301 -18.16 -11.06 11.26
N ILE C 302 -18.03 -11.78 12.38
CA ILE C 302 -17.60 -11.15 13.62
C ILE C 302 -16.09 -11.07 13.47
N ILE C 303 -15.54 -9.85 13.48
CA ILE C 303 -14.11 -9.65 13.29
C ILE C 303 -13.35 -9.35 14.56
N GLY C 304 -14.05 -8.96 15.62
CA GLY C 304 -13.36 -8.68 16.87
C GLY C 304 -14.25 -8.33 18.03
N GLU C 305 -13.66 -7.71 19.05
CA GLU C 305 -14.38 -7.32 20.25
C GLU C 305 -13.85 -6.01 20.84
N VAL C 306 -14.70 -5.31 21.56
CA VAL C 306 -14.31 -4.06 22.22
C VAL C 306 -13.56 -4.44 23.49
N ILE C 307 -12.36 -3.90 23.67
CA ILE C 307 -11.56 -4.22 24.85
C ILE C 307 -11.34 -2.98 25.71
N ALA C 308 -10.73 -3.17 26.88
CA ALA C 308 -10.47 -2.09 27.81
C ALA C 308 -9.07 -1.50 27.68
N ASP C 309 -8.13 -2.25 27.10
CA ASP C 309 -6.77 -1.76 26.91
C ASP C 309 -6.67 -1.03 25.58
N TYR C 310 -5.62 -0.23 25.41
CA TYR C 310 -5.40 0.53 24.19
C TYR C 310 -6.69 1.27 23.82
N ARG C 311 -7.12 2.16 24.71
CA ARG C 311 -8.33 2.93 24.47
C ARG C 311 -8.04 3.95 23.36
N GLY C 312 -8.98 4.09 22.43
CA GLY C 312 -8.80 5.03 21.33
C GLY C 312 -7.96 4.45 20.19
N LYS C 313 -7.39 3.27 20.38
CA LYS C 313 -6.60 2.65 19.34
C LYS C 313 -7.28 1.38 18.86
N VAL C 314 -6.80 0.84 17.75
CA VAL C 314 -7.34 -0.38 17.19
C VAL C 314 -6.19 -1.36 17.08
N LEU C 315 -6.31 -2.47 17.82
CA LEU C 315 -5.28 -3.49 17.85
C LEU C 315 -5.60 -4.57 16.82
N LEU C 316 -4.59 -4.98 16.06
CA LEU C 316 -4.79 -6.00 15.05
C LEU C 316 -4.01 -7.26 15.37
N GLU C 317 -4.71 -8.38 15.45
CA GLU C 317 -4.05 -9.64 15.70
C GLU C 317 -3.84 -10.24 14.32
N THR C 318 -2.60 -10.35 13.90
CA THR C 318 -2.32 -10.88 12.57
C THR C 318 -2.59 -12.37 12.44
N GLY C 319 -2.58 -12.83 11.20
CA GLY C 319 -2.83 -14.23 10.91
C GLY C 319 -1.95 -15.19 11.67
N ILE C 320 -0.65 -14.92 11.72
CA ILE C 320 0.27 -15.81 12.43
C ILE C 320 0.20 -15.60 13.94
N GLY C 321 -0.65 -14.67 14.38
CA GLY C 321 -0.78 -14.44 15.81
C GLY C 321 -0.05 -13.24 16.37
N GLY C 322 0.64 -12.48 15.51
CA GLY C 322 1.34 -11.31 15.98
C GLY C 322 0.36 -10.21 16.36
N LYS C 323 0.88 -9.07 16.84
CA LYS C 323 0.02 -7.96 17.22
C LYS C 323 0.60 -6.65 16.70
N ARG C 324 -0.28 -5.78 16.21
CA ARG C 324 0.12 -4.47 15.71
C ARG C 324 -1.12 -3.59 15.65
N PHE C 325 -0.93 -2.29 15.54
CA PHE C 325 -2.07 -1.40 15.46
C PHE C 325 -2.56 -1.32 14.03
N MET C 326 -3.85 -1.12 13.87
CA MET C 326 -4.43 -0.95 12.54
C MET C 326 -4.53 0.56 12.42
N GLU C 327 -3.51 1.17 11.86
CA GLU C 327 -3.45 2.62 11.72
C GLU C 327 -4.47 3.25 10.80
N PRO C 328 -5.11 4.34 11.27
CA PRO C 328 -6.10 5.04 10.46
C PRO C 328 -5.31 5.74 9.36
N PRO C 329 -5.57 5.43 8.09
CA PRO C 329 -4.84 6.07 7.00
C PRO C 329 -4.75 7.58 7.10
N GLU C 330 -3.70 8.15 6.51
CA GLU C 330 -3.52 9.60 6.51
C GLU C 330 -4.65 10.16 5.64
N GLY C 331 -5.01 9.38 4.64
CA GLY C 331 -6.07 9.75 3.72
C GLY C 331 -6.33 8.56 2.84
N ASP C 332 -7.52 8.46 2.25
CA ASP C 332 -7.80 7.34 1.37
C ASP C 332 -6.72 7.30 0.29
N PRO C 333 -6.15 6.12 0.04
CA PRO C 333 -5.11 5.96 -0.97
C PRO C 333 -5.56 6.31 -2.39
N VAL C 334 -6.76 5.88 -2.76
CA VAL C 334 -7.30 6.10 -4.08
C VAL C 334 -7.95 7.46 -4.34
N PRO C 335 -7.54 8.14 -5.43
CA PRO C 335 -8.08 9.44 -5.81
C PRO C 335 -9.50 9.32 -6.35
N ARG C 336 -10.30 10.36 -6.16
CA ARG C 336 -11.68 10.38 -6.63
C ARG C 336 -12.40 9.05 -6.42
N ILE C 337 -12.28 8.50 -5.22
CA ILE C 337 -12.90 7.21 -4.91
C ILE C 337 -14.40 7.37 -4.64
N CYS C 338 -14.81 8.60 -4.34
CA CYS C 338 -16.21 8.88 -4.05
C CYS C 338 -16.56 10.34 -4.29
FE1 SF4 D . 14.21 10.58 7.93
FE2 SF4 D . 11.50 10.88 8.11
FE3 SF4 D . 12.98 10.49 10.50
FE4 SF4 D . 12.66 8.33 8.83
S1 SF4 D . 11.04 9.60 9.67
S2 SF4 D . 14.65 9.32 9.42
S3 SF4 D . 12.39 9.65 6.79
S4 SF4 D . 12.77 12.18 8.83
MG MG E . -20.83 9.23 4.04
MG MG F . -20.84 7.79 7.40
MG MG G . -22.41 6.25 13.64
CL CL H . -18.09 9.69 2.80
MG MG I . -21.38 11.35 6.56
MG MG J . -19.49 12.12 4.24
#